data_7XI9
#
_entry.id   7XI9
#
_cell.length_a   1.00
_cell.length_b   1.00
_cell.length_c   1.00
_cell.angle_alpha   90.00
_cell.angle_beta   90.00
_cell.angle_gamma   90.00
#
_symmetry.space_group_name_H-M   'P 1'
#
loop_
_entity.id
_entity.type
_entity.pdbx_description
1 polymer 'DNA (cytosine-5)-methyltransferase 1'
2 polymer "DNA (5'-D(*AP*CP*TP*TP*AP*(5CM)P*GP*GP*AP*AP*GP*G)-3')"
3 polymer "DNA (5'-D(*CP*CP*TP*TP*CP*(C55)P*GP*TP*AP*AP*GP*T)-3')"
4 non-polymer 'ZINC ION'
5 non-polymer S-ADENOSYL-L-HOMOCYSTEINE
6 water water
#
loop_
_entity_poly.entity_id
_entity_poly.type
_entity_poly.pdbx_seq_one_letter_code
_entity_poly.pdbx_strand_id
1 'polypeptide(L)'
;PKCIQCGQYLDDPDLKYGQHPPDAVDEPQMLTNEKLSIFDANESGFESYEALPQHKLTCFSVYCKHGHLCPIDTGLIEKN
IELFFSGSAKPIYDDDPSLEGGVNGKNLGPINEWWITGFDGGEKALIGFSTSFAEYILMDPSPEYAPIFGLMQEKIYISK
IVVEFLQSNSDSTYEDLINKIETTVPPSGLNLNRFTEDSLLRHAQFVVEQVESYDEAGDSDEQPIFLTPCMRDLIKLAGV
TLGQRRAQARRQTIRHSTREKDRGPTKATTTKLVYQIFDTFFAEQIEKDDREDKENAFKRRRCGVCEVCQQPECGKCKAC
KDMVKFGGSGRSKQACQERRCPNMAMKEADDDEEVDDNIPEMPSPKKMHQGKKKKQNKNRISWVGEAVKTDGKKSYYKKV
CIDAETLEVGDCVSVIPDDSSKPLYLARVTALWEDSSNGQMFHAHWFCAGTDTVLGATSDPLELFLVDECEDMQLSYIHS
KVKVIYKAPSENWAMEGGMDPESLLEGDDGKTYFYQLWYDQDYARFESPPKTQPTEDNKFKFCVSCARLAEMRQKEIPRV
LEQLEDLDSRVLYYSATKNGILYRVGDGVYLPPEAFTFNIKLSSPVKRPRKEPVDEDLYPEHYRKYSDYIKGSNLDAPEP
YRIGRIKEIFCPKKSNGRPNETDIKIRVNKFYRPENTHKSTPASYHADINLLYWSDEEAVVDFKAVQGRCTVEYGEDLPE
CVQVYSMGGPNRFYFLEAYNAKSKSFEDPPNHARSPGNKGKGKGKGKGKPKSQACEPSEPEIEIKLPKLRTLDVFSGCGG
LSEGFHQAGISDTLWAIEMWDPAAQAFRLNNPGSTVFTEDCNILLKLVMAGETTNSRGQRLPQKGDVEMLCGGPPCQGFS
GMNRFNSRTYSKFKNSLVVSFLSYCDYYRPRFFLLENVRNFVSFKRSMVLKLTLRCLVRMGYQCTFGVLQAGQYGVAQTR
RRAIILAAAPGEKLPLFPEPLHVFAPRACQLSVVVDDKKFVSNITRLSSGPFRTITVRDTMSDLPEVRNGASALEISYNG
EPQSWFQRQLRGAQYQPILRDHICKDMSALVAARMRHIPLAPGSDWRDLPNIEVRLSDGTMARKLRYTHHDRKNGRSSSG
ALRGVCSCVEAGKACDPAARQFNTLIPWCLPHTGNRHNHWAGLYGRLEWDGFFSTTVTNPEPMGKQGRVLHPEQHRVVSV
RECARSQGFPDTYRLFGNILDKHRQVGNAVPPPLAKAIGLEIKLCMLAKARESASAKIKEEEAAKD
;
A
2 'polydeoxyribonucleotide' (DA)(DC)(DT)(DT)(DA)(5CM)(DG)(DG)(DA)(DA)(DG)(DG) B
3 'polydeoxyribonucleotide' (DC)(DC)(DT)(DT)(DC)(EIX)(DG)(DT)(DA)(DA)(DG)(DT) C
#
loop_
_chem_comp.id
_chem_comp.type
_chem_comp.name
_chem_comp.formula
5CM DNA linking 5-METHYL-2'-DEOXY-CYTIDINE-5'-MONOPHOSPHATE 'C10 H16 N3 O7 P'
DA DNA linking 2'-DEOXYADENOSINE-5'-MONOPHOSPHATE 'C10 H14 N5 O6 P'
DC DNA linking 2'-DEOXYCYTIDINE-5'-MONOPHOSPHATE 'C9 H14 N3 O7 P'
DG DNA linking 2'-DEOXYGUANOSINE-5'-MONOPHOSPHATE 'C10 H14 N5 O7 P'
DT DNA linking THYMIDINE-5'-MONOPHOSPHATE 'C10 H15 N2 O8 P'
EIX DNA linking '[(2R,3S,5S)-5-[(4R,5R)-6-azanyl-5-fluoranyl-5-methyl-2-oxidanylidene-4-sulfanyl-4H-pyrimidin-3-yl]-3-oxidanyl-oxolan-2-yl]methyl dihydrogen phosphate' 'C10 H17 F N3 O7 P S'
ZN non-polymer 'ZINC ION' 'Zn 2'
#
# COMPACT_ATOMS: atom_id res chain seq x y z
N GLY A 264 -12.70 -27.76 -12.96
CA GLY A 264 -11.72 -26.86 -13.52
C GLY A 264 -12.11 -25.40 -13.38
N PRO A 265 -11.23 -24.50 -13.85
CA PRO A 265 -11.54 -23.07 -13.78
C PRO A 265 -12.23 -22.57 -15.05
N THR A 266 -13.23 -21.71 -14.85
CA THR A 266 -13.95 -21.13 -15.97
C THR A 266 -13.12 -20.02 -16.61
N LYS A 267 -13.50 -19.67 -17.84
CA LYS A 267 -12.79 -18.64 -18.57
C LYS A 267 -13.35 -17.27 -18.23
N ALA A 268 -12.51 -16.25 -18.42
CA ALA A 268 -12.86 -14.90 -18.01
C ALA A 268 -14.02 -14.36 -18.83
N THR A 269 -15.05 -13.88 -18.14
CA THR A 269 -16.11 -13.12 -18.79
C THR A 269 -15.62 -11.71 -19.08
N THR A 270 -15.90 -11.23 -20.28
CA THR A 270 -15.36 -9.94 -20.71
C THR A 270 -16.43 -9.14 -21.44
N THR A 271 -16.42 -7.83 -21.20
CA THR A 271 -16.99 -6.89 -22.16
C THR A 271 -16.01 -6.73 -23.32
N LYS A 272 -16.51 -6.19 -24.44
CA LYS A 272 -15.66 -6.06 -25.62
C LYS A 272 -14.54 -5.05 -25.41
N LEU A 273 -14.80 -3.99 -24.65
CA LEU A 273 -13.77 -3.00 -24.35
C LEU A 273 -12.59 -3.63 -23.61
N VAL A 274 -12.88 -4.45 -22.60
CA VAL A 274 -11.82 -5.07 -21.82
C VAL A 274 -11.20 -6.22 -22.60
N TYR A 275 -12.02 -6.95 -23.35
CA TYR A 275 -11.51 -8.03 -24.20
C TYR A 275 -10.46 -7.52 -25.17
N GLN A 276 -10.77 -6.44 -25.90
CA GLN A 276 -9.86 -5.95 -26.92
C GLN A 276 -8.55 -5.40 -26.37
N ILE A 277 -8.42 -5.27 -25.05
CA ILE A 277 -7.17 -4.87 -24.43
C ILE A 277 -6.43 -6.07 -23.86
N PHE A 278 -7.14 -6.93 -23.12
CA PHE A 278 -6.56 -8.14 -22.56
C PHE A 278 -6.62 -9.32 -23.50
N ASP A 279 -6.77 -9.08 -24.80
CA ASP A 279 -7.02 -10.16 -25.76
C ASP A 279 -5.86 -11.13 -25.83
N THR A 280 -4.70 -10.66 -26.27
CA THR A 280 -3.57 -11.54 -26.55
C THR A 280 -2.80 -11.94 -25.29
N PHE A 281 -2.96 -11.22 -24.19
CA PHE A 281 -2.27 -11.57 -22.96
C PHE A 281 -2.82 -12.87 -22.38
N PHE A 282 -4.12 -12.90 -22.09
CA PHE A 282 -4.79 -14.11 -21.62
C PHE A 282 -5.49 -14.78 -22.80
N ALA A 283 -4.67 -15.23 -23.75
CA ALA A 283 -5.20 -15.78 -25.00
C ALA A 283 -5.96 -17.07 -24.78
N GLU A 284 -5.60 -17.84 -23.76
CA GLU A 284 -6.25 -19.11 -23.46
C GLU A 284 -7.11 -19.05 -22.22
N GLN A 285 -7.20 -17.89 -21.57
CA GLN A 285 -7.91 -17.78 -20.30
C GLN A 285 -9.21 -16.99 -20.38
N ILE A 286 -9.34 -16.07 -21.33
CA ILE A 286 -10.56 -15.31 -21.49
C ILE A 286 -11.45 -16.00 -22.51
N GLU A 287 -12.76 -15.99 -22.26
CA GLU A 287 -13.71 -16.70 -23.10
C GLU A 287 -13.81 -16.01 -24.46
N LYS A 288 -13.38 -16.71 -25.50
CA LYS A 288 -13.52 -16.17 -26.85
C LYS A 288 -14.94 -16.42 -27.37
N ASP A 289 -15.34 -15.60 -28.33
CA ASP A 289 -16.70 -15.64 -28.84
C ASP A 289 -16.77 -15.08 -30.26
N ARG A 302 0.55 -8.94 -34.72
CA ARG A 302 1.06 -8.15 -33.61
C ARG A 302 0.30 -8.44 -32.32
N CYS A 303 0.89 -9.25 -31.44
CA CYS A 303 0.25 -9.55 -30.17
C CYS A 303 0.13 -8.30 -29.31
N GLY A 304 1.11 -7.39 -29.39
CA GLY A 304 1.08 -6.15 -28.66
C GLY A 304 1.54 -6.22 -27.22
N VAL A 305 1.69 -7.42 -26.66
CA VAL A 305 2.02 -7.57 -25.24
C VAL A 305 3.39 -8.21 -25.00
N CYS A 306 4.05 -8.72 -26.05
CA CYS A 306 5.35 -9.33 -25.86
C CYS A 306 6.40 -8.25 -25.59
N GLU A 307 7.60 -8.70 -25.20
CA GLU A 307 8.67 -7.76 -24.89
C GLU A 307 9.09 -6.98 -26.13
N VAL A 308 8.97 -7.57 -27.31
CA VAL A 308 9.33 -6.87 -28.54
C VAL A 308 8.32 -5.76 -28.82
N CYS A 309 7.03 -6.08 -28.74
CA CYS A 309 5.97 -5.11 -29.00
C CYS A 309 5.85 -4.04 -27.93
N GLN A 310 6.69 -4.07 -26.89
CA GLN A 310 6.61 -3.08 -25.83
C GLN A 310 7.67 -2.00 -25.93
N GLN A 311 8.76 -2.24 -26.65
CA GLN A 311 9.78 -1.22 -26.81
C GLN A 311 9.30 -0.15 -27.78
N PRO A 312 9.81 1.08 -27.65
CA PRO A 312 9.39 2.15 -28.56
C PRO A 312 9.94 1.94 -29.96
N GLU A 313 9.46 2.76 -30.88
CA GLU A 313 9.94 2.72 -32.25
C GLU A 313 11.39 3.21 -32.31
N CYS A 314 12.14 2.64 -33.25
CA CYS A 314 13.57 2.96 -33.35
C CYS A 314 13.77 4.43 -33.72
N GLY A 315 13.30 4.82 -34.90
CA GLY A 315 13.47 6.17 -35.40
C GLY A 315 14.54 6.31 -36.46
N LYS A 316 15.44 5.33 -36.58
CA LYS A 316 16.52 5.39 -37.56
C LYS A 316 16.12 4.83 -38.92
N CYS A 317 15.39 3.73 -38.94
CA CYS A 317 15.14 3.00 -40.18
C CYS A 317 14.18 3.78 -41.09
N LYS A 318 14.13 3.35 -42.35
CA LYS A 318 13.21 3.93 -43.31
C LYS A 318 11.75 3.56 -43.02
N ALA A 319 11.51 2.68 -42.04
CA ALA A 319 10.15 2.38 -41.64
C ALA A 319 9.64 3.40 -40.64
N CYS A 320 10.45 3.73 -39.63
CA CYS A 320 10.07 4.73 -38.64
C CYS A 320 9.94 6.11 -39.27
N LYS A 321 10.90 6.49 -40.10
CA LYS A 321 10.82 7.82 -40.71
C LYS A 321 9.73 7.95 -41.76
N ASP A 322 8.87 6.95 -41.93
CA ASP A 322 7.74 7.03 -42.84
C ASP A 322 6.39 7.06 -42.14
N MET A 323 6.38 6.95 -40.81
CA MET A 323 5.15 7.15 -40.04
C MET A 323 5.15 8.55 -39.46
N VAL A 324 3.94 9.11 -39.29
CA VAL A 324 3.78 10.53 -39.01
C VAL A 324 4.39 10.94 -37.67
N LYS A 325 4.57 10.00 -36.73
CA LYS A 325 5.17 10.32 -35.45
C LYS A 325 6.53 10.98 -35.58
N PHE A 326 7.23 10.77 -36.71
CA PHE A 326 8.58 11.28 -36.89
C PHE A 326 8.68 12.29 -38.03
N GLY A 327 7.56 12.73 -38.58
CA GLY A 327 7.58 13.76 -39.60
C GLY A 327 7.66 13.21 -41.02
N GLY A 328 6.86 12.18 -41.29
CA GLY A 328 6.81 11.56 -42.60
C GLY A 328 5.51 11.81 -43.33
N SER A 329 5.21 10.92 -44.27
CA SER A 329 3.97 11.00 -45.03
C SER A 329 2.86 10.17 -44.39
N GLY A 330 3.18 8.94 -43.97
CA GLY A 330 2.23 8.07 -43.33
C GLY A 330 1.40 7.23 -44.28
N ARG A 331 1.49 7.46 -45.59
CA ARG A 331 0.73 6.68 -46.55
C ARG A 331 1.12 5.20 -46.54
N SER A 332 2.31 4.87 -46.03
CA SER A 332 2.75 3.51 -45.85
C SER A 332 2.77 3.18 -44.36
N LYS A 333 2.38 1.96 -44.01
CA LYS A 333 2.31 1.59 -42.60
C LYS A 333 3.71 1.29 -42.06
N GLN A 334 4.36 0.26 -42.60
CA GLN A 334 5.80 0.04 -42.44
C GLN A 334 6.22 0.10 -40.97
N ALA A 335 5.76 -0.89 -40.21
CA ALA A 335 6.10 -0.99 -38.79
C ALA A 335 7.61 -0.93 -38.57
N CYS A 336 8.03 -0.45 -37.40
CA CYS A 336 9.44 -0.28 -37.09
C CYS A 336 10.22 -1.56 -37.34
N GLN A 337 11.50 -1.41 -37.70
CA GLN A 337 12.35 -2.58 -37.88
C GLN A 337 13.07 -2.97 -36.61
N GLU A 338 12.34 -2.96 -35.50
CA GLU A 338 12.72 -3.72 -34.31
C GLU A 338 11.50 -4.27 -33.59
N ARG A 339 10.30 -4.08 -34.12
CA ARG A 339 9.05 -4.41 -33.43
C ARG A 339 8.26 -5.44 -34.20
N ARG A 340 8.95 -6.41 -34.79
CA ARG A 340 8.30 -7.54 -35.45
C ARG A 340 7.97 -8.57 -34.38
N CYS A 341 6.70 -8.67 -34.04
CA CYS A 341 6.26 -9.57 -32.97
C CYS A 341 6.58 -11.01 -33.33
N PRO A 342 7.28 -11.75 -32.47
CA PRO A 342 7.59 -13.16 -32.78
C PRO A 342 6.37 -14.07 -32.82
N ASN A 343 5.16 -13.54 -32.62
CA ASN A 343 3.94 -14.34 -32.62
C ASN A 343 2.98 -13.98 -33.73
N MET A 344 3.39 -13.14 -34.68
CA MET A 344 2.54 -12.73 -35.78
C MET A 344 2.67 -13.74 -36.93
N ALA A 345 2.12 -13.40 -38.09
CA ALA A 345 2.22 -14.28 -39.25
C ALA A 345 3.65 -14.31 -39.79
N MET A 346 4.21 -13.13 -40.08
CA MET A 346 5.57 -13.03 -40.59
C MET A 346 6.47 -12.32 -39.60
N THR A 406 -3.65 29.76 -41.41
CA THR A 406 -2.58 30.25 -40.54
C THR A 406 -2.58 29.52 -39.20
N LEU A 407 -1.78 30.03 -38.26
CA LEU A 407 -1.63 29.44 -36.94
C LEU A 407 -2.05 30.48 -35.91
N GLU A 408 -3.20 30.27 -35.28
CA GLU A 408 -3.77 31.20 -34.31
C GLU A 408 -3.95 30.49 -32.97
N VAL A 409 -3.71 31.24 -31.89
CA VAL A 409 -3.70 30.72 -30.52
C VAL A 409 -4.91 29.82 -30.26
N GLY A 410 -4.66 28.67 -29.62
CA GLY A 410 -5.68 27.71 -29.30
C GLY A 410 -5.54 26.38 -30.02
N ASP A 411 -4.80 26.34 -31.12
CA ASP A 411 -4.62 25.13 -31.90
C ASP A 411 -3.28 24.47 -31.59
N CYS A 412 -3.21 23.17 -31.84
CA CYS A 412 -2.05 22.37 -31.49
C CYS A 412 -1.14 22.19 -32.71
N VAL A 413 0.14 21.93 -32.42
CA VAL A 413 1.20 21.87 -33.42
C VAL A 413 2.18 20.75 -33.09
N SER A 414 3.01 20.43 -34.07
CA SER A 414 4.12 19.50 -33.91
C SER A 414 5.42 20.27 -33.79
N VAL A 415 6.29 19.81 -32.91
CA VAL A 415 7.63 20.38 -32.71
C VAL A 415 8.62 19.25 -32.86
N ILE A 416 9.57 19.41 -33.78
CA ILE A 416 10.57 18.39 -34.07
C ILE A 416 11.72 18.60 -33.09
N PRO A 417 12.10 17.59 -32.31
CA PRO A 417 13.28 17.72 -31.44
C PRO A 417 14.56 17.60 -32.26
N ASP A 418 15.70 17.67 -31.56
CA ASP A 418 16.99 17.60 -32.23
C ASP A 418 17.17 16.26 -32.94
N ASP A 419 17.18 15.17 -32.18
CA ASP A 419 17.34 13.84 -32.78
C ASP A 419 16.00 13.34 -33.29
N SER A 420 15.98 12.91 -34.56
CA SER A 420 14.73 12.53 -35.20
C SER A 420 14.16 11.22 -34.67
N SER A 421 14.97 10.40 -34.00
CA SER A 421 14.48 9.13 -33.49
C SER A 421 13.46 9.30 -32.37
N LYS A 422 13.44 10.45 -31.72
CA LYS A 422 12.36 10.74 -30.80
C LYS A 422 11.20 11.37 -31.55
N PRO A 423 9.96 10.97 -31.25
CA PRO A 423 8.82 11.38 -32.07
C PRO A 423 8.52 12.87 -31.91
N LEU A 424 7.59 13.34 -32.74
CA LEU A 424 7.18 14.74 -32.72
C LEU A 424 6.54 15.09 -31.39
N TYR A 425 7.00 16.18 -30.78
CA TYR A 425 6.41 16.70 -29.56
C TYR A 425 5.15 17.48 -29.90
N LEU A 426 4.02 17.10 -29.32
CA LEU A 426 2.75 17.74 -29.63
C LEU A 426 2.45 18.79 -28.58
N ALA A 427 2.24 20.03 -29.03
CA ALA A 427 2.06 21.15 -28.12
C ALA A 427 0.81 21.93 -28.48
N ARG A 428 0.35 22.75 -27.54
CA ARG A 428 -0.71 23.71 -27.78
C ARG A 428 -0.13 25.11 -27.70
N VAL A 429 -0.61 26.00 -28.56
CA VAL A 429 -0.17 27.38 -28.59
C VAL A 429 -1.01 28.18 -27.61
N THR A 430 -0.37 28.73 -26.58
CA THR A 430 -1.08 29.56 -25.61
C THR A 430 -0.84 31.04 -25.80
N ALA A 431 0.28 31.43 -26.41
CA ALA A 431 0.54 32.83 -26.74
C ALA A 431 1.30 32.88 -28.04
N LEU A 432 1.27 34.04 -28.69
CA LEU A 432 1.89 34.22 -29.99
C LEU A 432 2.60 35.57 -30.08
N TRP A 433 3.32 35.95 -29.03
CA TRP A 433 3.94 37.27 -29.01
C TRP A 433 5.13 37.33 -29.97
N GLU A 434 5.48 38.55 -30.35
CA GLU A 434 6.65 38.83 -31.19
C GLU A 434 7.71 39.45 -30.30
N ASP A 435 8.67 38.64 -29.88
CA ASP A 435 9.74 39.09 -29.00
C ASP A 435 10.81 39.81 -29.82
N SER A 436 11.06 41.06 -29.48
CA SER A 436 12.14 41.81 -30.13
C SER A 436 13.48 41.22 -29.72
N SER A 437 14.41 41.18 -30.68
CA SER A 437 15.77 40.66 -30.56
C SER A 437 15.82 39.13 -30.48
N ASN A 438 14.66 38.45 -30.46
CA ASN A 438 14.62 37.00 -30.44
C ASN A 438 13.83 36.40 -31.59
N GLY A 439 12.87 37.12 -32.16
CA GLY A 439 12.16 36.65 -33.33
C GLY A 439 10.75 36.19 -33.01
N GLN A 440 10.15 35.52 -33.99
CA GLN A 440 8.82 34.94 -33.82
C GLN A 440 8.84 33.94 -32.68
N MET A 441 7.84 34.02 -31.81
CA MET A 441 7.82 33.22 -30.60
C MET A 441 6.40 32.80 -30.27
N PHE A 442 6.29 31.78 -29.42
CA PHE A 442 5.02 31.30 -28.93
C PHE A 442 5.28 30.50 -27.65
N HIS A 443 4.20 30.21 -26.92
CA HIS A 443 4.27 29.45 -25.69
C HIS A 443 3.64 28.09 -25.93
N ALA A 444 4.45 27.04 -25.83
CA ALA A 444 4.02 25.67 -26.07
C ALA A 444 3.66 25.01 -24.75
N HIS A 445 2.39 24.66 -24.59
CA HIS A 445 1.94 23.82 -23.48
C HIS A 445 1.97 22.39 -23.97
N TRP A 446 2.84 21.57 -23.39
CA TRP A 446 3.16 20.27 -23.95
C TRP A 446 2.08 19.24 -23.66
N PHE A 447 1.90 18.34 -24.62
CA PHE A 447 1.14 17.11 -24.44
C PHE A 447 2.10 15.96 -24.16
N CYS A 448 1.60 14.94 -23.49
CA CYS A 448 2.33 13.70 -23.28
C CYS A 448 1.66 12.61 -24.09
N ALA A 449 2.41 11.97 -24.98
CA ALA A 449 1.85 10.85 -25.71
C ALA A 449 1.53 9.70 -24.75
N GLY A 450 0.67 8.79 -25.20
CA GLY A 450 0.30 7.66 -24.36
C GLY A 450 1.44 6.67 -24.17
N THR A 451 2.36 6.60 -25.13
CA THR A 451 3.52 5.75 -25.02
C THR A 451 4.61 6.33 -24.13
N ASP A 452 4.43 7.55 -23.64
CA ASP A 452 5.37 8.19 -22.71
C ASP A 452 4.87 8.17 -21.28
N THR A 453 3.67 7.64 -21.04
CA THR A 453 3.11 7.53 -19.70
C THR A 453 3.48 6.17 -19.13
N VAL A 454 2.87 5.80 -18.01
CA VAL A 454 3.07 4.47 -17.45
C VAL A 454 2.42 3.41 -18.33
N LEU A 455 1.53 3.81 -19.25
CA LEU A 455 0.90 2.85 -20.15
C LEU A 455 1.89 2.27 -21.14
N GLY A 456 2.88 3.05 -21.58
CA GLY A 456 3.86 2.52 -22.50
C GLY A 456 3.25 2.22 -23.86
N ALA A 457 3.74 1.15 -24.49
CA ALA A 457 3.23 0.75 -25.79
C ALA A 457 1.79 0.25 -25.74
N THR A 458 1.23 0.05 -24.54
CA THR A 458 -0.14 -0.42 -24.43
C THR A 458 -1.14 0.63 -24.92
N SER A 459 -0.79 1.91 -24.84
CA SER A 459 -1.69 2.97 -25.23
C SER A 459 -1.84 3.03 -26.75
N ASP A 460 -2.97 3.58 -27.20
CA ASP A 460 -3.19 3.79 -28.62
C ASP A 460 -2.37 4.97 -29.11
N PRO A 461 -1.87 4.91 -30.35
CA PRO A 461 -0.94 5.95 -30.83
C PRO A 461 -1.57 7.32 -31.01
N LEU A 462 -2.87 7.48 -30.75
CA LEU A 462 -3.53 8.76 -30.92
C LEU A 462 -3.94 9.43 -29.62
N GLU A 463 -4.01 8.69 -28.52
CA GLU A 463 -4.37 9.29 -27.24
C GLU A 463 -3.24 10.17 -26.72
N LEU A 464 -3.61 11.35 -26.24
CA LEU A 464 -2.70 12.28 -25.60
C LEU A 464 -3.15 12.53 -24.17
N PHE A 465 -2.24 13.08 -23.37
CA PHE A 465 -2.50 13.38 -21.97
C PHE A 465 -2.02 14.78 -21.66
N LEU A 466 -2.79 15.49 -20.85
CA LEU A 466 -2.40 16.82 -20.41
C LEU A 466 -1.36 16.73 -19.31
N VAL A 467 -0.32 17.57 -19.41
CA VAL A 467 0.73 17.61 -18.42
C VAL A 467 1.06 19.07 -18.13
N ASP A 468 1.61 19.32 -16.94
CA ASP A 468 2.04 20.66 -16.55
C ASP A 468 3.43 20.92 -17.12
N GLU A 469 3.47 21.10 -18.43
CA GLU A 469 4.73 21.22 -19.16
C GLU A 469 4.57 22.29 -20.22
N CYS A 470 5.23 23.43 -20.04
CA CYS A 470 5.17 24.51 -21.00
C CYS A 470 6.54 25.16 -21.14
N GLU A 471 6.73 25.87 -22.23
CA GLU A 471 7.95 26.65 -22.42
C GLU A 471 7.82 27.55 -23.64
N ASP A 472 8.58 28.63 -23.64
CA ASP A 472 8.59 29.57 -24.75
C ASP A 472 9.51 29.03 -25.85
N MET A 473 8.96 28.83 -27.04
CA MET A 473 9.71 28.34 -28.18
C MET A 473 9.55 29.27 -29.36
N GLN A 474 10.58 29.31 -30.20
CA GLN A 474 10.50 30.09 -31.43
C GLN A 474 9.52 29.43 -32.40
N LEU A 475 8.88 30.27 -33.24
CA LEU A 475 7.96 29.74 -34.23
C LEU A 475 8.66 29.05 -35.39
N SER A 476 9.99 29.01 -35.40
CA SER A 476 10.75 28.27 -36.39
C SER A 476 10.69 26.77 -36.17
N TYR A 477 10.06 26.31 -35.09
CA TYR A 477 10.03 24.89 -34.76
C TYR A 477 8.75 24.19 -35.19
N ILE A 478 7.69 24.95 -35.53
CA ILE A 478 6.43 24.33 -35.90
C ILE A 478 6.62 23.55 -37.19
N HIS A 479 6.40 22.23 -37.11
CA HIS A 479 6.48 21.40 -38.30
C HIS A 479 5.15 21.40 -39.05
N SER A 480 4.04 21.37 -38.33
CA SER A 480 2.70 21.42 -38.93
C SER A 480 1.69 21.68 -37.82
N LYS A 481 0.45 21.95 -38.24
CA LYS A 481 -0.67 22.15 -37.33
C LYS A 481 -1.40 20.84 -37.15
N VAL A 482 -1.65 20.47 -35.88
CA VAL A 482 -2.23 19.18 -35.54
C VAL A 482 -3.66 19.38 -35.05
N LYS A 483 -4.55 18.52 -35.52
CA LYS A 483 -5.92 18.46 -35.00
C LYS A 483 -5.94 17.60 -33.74
N VAL A 484 -6.36 18.19 -32.63
CA VAL A 484 -6.52 17.47 -31.37
C VAL A 484 -7.93 17.71 -30.86
N ILE A 485 -8.61 16.62 -30.49
CA ILE A 485 -9.99 16.66 -30.03
C ILE A 485 -10.01 16.35 -28.54
N TYR A 486 -10.96 16.96 -27.82
CA TYR A 486 -11.15 16.65 -26.40
C TYR A 486 -12.28 15.63 -26.29
N LYS A 487 -11.92 14.37 -26.12
CA LYS A 487 -12.91 13.30 -25.98
C LYS A 487 -13.44 13.33 -24.55
N ALA A 488 -14.54 14.06 -24.36
CA ALA A 488 -15.15 14.16 -23.05
C ALA A 488 -16.03 12.95 -22.79
N PRO A 489 -16.23 12.59 -21.52
CA PRO A 489 -17.19 11.53 -21.21
C PRO A 489 -18.62 12.01 -21.42
N SER A 490 -19.43 11.15 -22.02
CA SER A 490 -20.80 11.51 -22.34
C SER A 490 -21.61 11.70 -21.05
N GLU A 491 -22.85 12.15 -21.22
CA GLU A 491 -23.74 12.29 -20.08
C GLU A 491 -24.34 10.95 -19.67
N ASN A 492 -24.30 9.95 -20.55
CA ASN A 492 -24.70 8.60 -20.22
C ASN A 492 -23.49 7.69 -20.00
N TRP A 493 -22.34 8.28 -19.66
CA TRP A 493 -21.12 7.51 -19.43
C TRP A 493 -21.33 6.37 -18.45
N ALA A 494 -22.11 6.60 -17.40
CA ALA A 494 -22.36 5.58 -16.38
C ALA A 494 -23.22 4.44 -16.91
N MET A 495 -23.62 4.46 -18.18
CA MET A 495 -24.43 3.40 -18.77
C MET A 495 -23.80 2.84 -20.03
N GLU A 496 -22.55 3.18 -20.33
CA GLU A 496 -21.87 2.76 -21.55
C GLU A 496 -21.02 1.52 -21.35
N GLY A 497 -21.39 0.64 -20.42
CA GLY A 497 -20.68 -0.60 -20.22
C GLY A 497 -21.24 -1.71 -21.08
N GLY A 498 -20.56 -2.06 -22.16
CA GLY A 498 -21.07 -2.99 -23.14
C GLY A 498 -21.37 -2.33 -24.45
N MET A 499 -20.49 -2.49 -25.43
CA MET A 499 -20.63 -1.84 -26.73
C MET A 499 -20.96 -2.86 -27.82
N GLY A 510 -11.91 9.18 -35.50
CA GLY A 510 -11.21 8.47 -36.54
C GLY A 510 -9.73 8.31 -36.27
N LYS A 511 -8.90 9.03 -37.03
CA LYS A 511 -7.46 9.00 -36.90
C LYS A 511 -6.91 10.38 -36.61
N THR A 512 -7.56 11.10 -35.71
CA THR A 512 -7.06 12.37 -35.20
C THR A 512 -6.71 12.22 -33.73
N TYR A 513 -5.71 12.99 -33.29
CA TYR A 513 -5.31 12.93 -31.88
C TYR A 513 -6.47 13.37 -30.99
N PHE A 514 -6.62 12.69 -29.85
CA PHE A 514 -7.62 13.08 -28.87
C PHE A 514 -7.00 13.03 -27.49
N TYR A 515 -7.77 13.48 -26.51
CA TYR A 515 -7.33 13.41 -25.12
C TYR A 515 -8.56 13.45 -24.22
N GLN A 516 -8.42 12.86 -23.04
CA GLN A 516 -9.47 12.90 -22.04
C GLN A 516 -8.98 13.22 -20.63
N LEU A 517 -7.70 13.01 -20.31
CA LEU A 517 -7.23 13.06 -18.94
C LEU A 517 -5.94 13.85 -18.84
N TRP A 518 -5.70 14.38 -17.65
CA TRP A 518 -4.44 14.99 -17.26
C TRP A 518 -3.59 13.95 -16.56
N TYR A 519 -2.29 13.98 -16.82
CA TYR A 519 -1.37 12.96 -16.34
C TYR A 519 -0.35 13.58 -15.39
N ASP A 520 -0.23 13.00 -14.20
CA ASP A 520 0.83 13.32 -13.26
C ASP A 520 1.88 12.21 -13.35
N GLN A 521 3.10 12.60 -13.74
CA GLN A 521 4.16 11.64 -14.05
C GLN A 521 4.82 11.09 -12.80
N ASP A 522 4.96 11.89 -11.75
CA ASP A 522 5.63 11.43 -10.53
C ASP A 522 4.88 10.27 -9.90
N TYR A 523 3.55 10.37 -9.85
CA TYR A 523 2.72 9.40 -9.16
C TYR A 523 1.95 8.49 -10.11
N ALA A 524 2.10 8.69 -11.42
CA ALA A 524 1.33 7.96 -12.42
C ALA A 524 -0.16 8.08 -12.15
N ARG A 525 -0.62 9.33 -12.06
CA ARG A 525 -2.02 9.62 -11.82
C ARG A 525 -2.69 10.08 -13.10
N PHE A 526 -3.89 9.57 -13.35
CA PHE A 526 -4.71 10.01 -14.47
C PHE A 526 -5.95 10.67 -13.86
N GLU A 527 -6.09 11.97 -14.04
CA GLU A 527 -7.19 12.72 -13.46
C GLU A 527 -7.97 13.45 -14.55
N SER A 528 -9.11 14.02 -14.18
CA SER A 528 -9.84 14.85 -15.12
C SER A 528 -9.01 16.08 -15.48
N PRO A 529 -9.27 16.69 -16.63
CA PRO A 529 -8.56 17.91 -16.99
C PRO A 529 -8.83 19.02 -15.99
N PRO A 530 -7.80 19.66 -15.48
CA PRO A 530 -7.97 20.63 -14.40
C PRO A 530 -8.84 21.81 -14.82
N LYS A 531 -9.86 22.10 -14.02
CA LYS A 531 -10.73 23.25 -14.24
C LYS A 531 -10.01 24.49 -13.74
N THR A 532 -9.32 25.16 -14.66
CA THR A 532 -8.55 26.35 -14.34
C THR A 532 -9.18 27.55 -15.03
N GLN A 533 -9.42 28.60 -14.26
CA GLN A 533 -10.07 29.79 -14.79
C GLN A 533 -9.03 30.74 -15.37
N PRO A 534 -9.25 31.29 -16.58
CA PRO A 534 -8.36 32.27 -17.21
C PRO A 534 -8.27 33.58 -16.44
N LYS A 541 -2.29 35.51 -22.68
CA LYS A 541 -1.69 34.19 -22.68
C LYS A 541 -2.61 33.14 -22.06
N PHE A 542 -2.56 33.04 -20.74
CA PHE A 542 -3.27 32.01 -19.96
C PHE A 542 -2.84 30.60 -20.41
N CYS A 543 -1.58 30.31 -20.13
CA CYS A 543 -1.16 28.91 -20.10
C CYS A 543 -1.74 28.24 -18.87
N VAL A 544 -2.32 27.06 -19.05
CA VAL A 544 -2.93 26.37 -17.92
C VAL A 544 -1.86 25.75 -17.03
N SER A 545 -0.79 25.24 -17.66
CA SER A 545 0.32 24.72 -16.89
C SER A 545 1.01 25.81 -16.09
N CYS A 546 1.15 27.00 -16.68
CA CYS A 546 1.77 28.11 -15.97
C CYS A 546 0.94 28.50 -14.75
N ALA A 547 -0.38 28.57 -14.90
CA ALA A 547 -1.25 28.90 -13.77
C ALA A 547 -1.16 27.84 -12.69
N ARG A 548 -1.15 26.55 -13.07
CA ARG A 548 -1.09 25.50 -12.06
C ARG A 548 0.24 25.50 -11.32
N LEU A 549 1.35 25.69 -12.04
CA LEU A 549 2.65 25.72 -11.38
C LEU A 549 2.82 26.97 -10.54
N ALA A 550 2.17 28.08 -10.92
CA ALA A 550 2.24 29.27 -10.09
C ALA A 550 1.41 29.11 -8.83
N GLU A 551 0.28 28.40 -8.91
CA GLU A 551 -0.49 28.10 -7.70
C GLU A 551 0.27 27.13 -6.81
N MET A 552 1.03 26.21 -7.39
CA MET A 552 1.82 25.29 -6.60
C MET A 552 2.99 25.98 -5.92
N ARG A 553 3.67 26.90 -6.63
CA ARG A 553 4.80 27.60 -6.06
C ARG A 553 4.40 28.56 -4.94
N GLN A 554 3.16 29.06 -4.97
CA GLN A 554 2.65 29.91 -3.89
C GLN A 554 1.89 29.10 -2.85
N LYS A 555 2.02 27.78 -2.89
CA LYS A 555 1.60 26.92 -1.79
C LYS A 555 2.80 26.31 -1.06
N GLU A 556 3.96 26.25 -1.71
CA GLU A 556 5.19 25.80 -1.09
C GLU A 556 5.72 26.78 -0.05
N ILE A 557 5.41 28.07 -0.20
CA ILE A 557 6.10 29.12 0.53
C ILE A 557 5.35 29.38 1.84
N PRO A 558 6.00 29.21 2.99
CA PRO A 558 5.35 29.58 4.26
C PRO A 558 5.37 31.09 4.47
N ARG A 559 4.28 31.60 5.02
CA ARG A 559 4.13 33.04 5.21
C ARG A 559 3.40 33.32 6.51
N VAL A 560 3.82 34.36 7.22
CA VAL A 560 3.19 34.74 8.47
C VAL A 560 2.04 35.69 8.18
N LEU A 561 1.03 35.66 9.06
CA LEU A 561 -0.19 36.42 8.89
C LEU A 561 -0.63 36.97 10.24
N GLU A 562 -1.17 38.19 10.21
CA GLU A 562 -1.78 38.84 11.38
C GLU A 562 -0.76 39.04 12.50
N GLN A 563 0.19 39.94 12.22
CA GLN A 563 1.14 40.40 13.22
C GLN A 563 0.45 40.71 14.54
N LEU A 564 1.15 40.41 15.64
CA LEU A 564 0.59 40.46 16.98
C LEU A 564 1.21 41.56 17.84
N GLU A 565 2.54 41.62 17.90
CA GLU A 565 3.21 42.60 18.76
C GLU A 565 4.60 42.86 18.21
N ASP A 566 4.99 44.13 18.15
CA ASP A 566 6.28 44.54 17.64
C ASP A 566 7.26 44.71 18.80
N LEU A 567 8.43 44.10 18.67
CA LEU A 567 9.48 44.19 19.68
C LEU A 567 10.74 44.80 19.05
N ASP A 568 11.84 44.78 19.81
CA ASP A 568 13.08 45.42 19.38
C ASP A 568 13.80 44.58 18.33
N SER A 569 14.00 43.29 18.60
CA SER A 569 14.79 42.43 17.74
C SER A 569 13.97 41.39 17.01
N ARG A 570 12.65 41.36 17.23
CA ARG A 570 11.78 40.39 16.58
C ARG A 570 10.35 40.93 16.63
N VAL A 571 9.47 40.29 15.87
CA VAL A 571 8.06 40.63 15.87
C VAL A 571 7.24 39.34 15.92
N LEU A 572 6.28 39.30 16.84
CA LEU A 572 5.40 38.16 16.97
C LEU A 572 4.25 38.25 15.97
N TYR A 573 3.75 37.09 15.56
CA TYR A 573 2.61 37.00 14.66
C TYR A 573 1.59 36.04 15.24
N TYR A 574 0.32 36.26 14.90
CA TYR A 574 -0.72 35.40 15.43
C TYR A 574 -0.86 34.11 14.62
N SER A 575 -0.59 34.13 13.32
CA SER A 575 -0.75 32.91 12.54
C SER A 575 0.35 32.82 11.49
N ALA A 576 0.46 31.63 10.92
CA ALA A 576 1.34 31.38 9.79
C ALA A 576 0.68 30.33 8.91
N THR A 577 1.20 30.17 7.70
CA THR A 577 0.65 29.22 6.75
C THR A 577 1.79 28.53 6.02
N LYS A 578 1.61 27.24 5.76
CA LYS A 578 2.62 26.41 5.14
C LYS A 578 1.94 25.22 4.48
N ASN A 579 2.19 25.03 3.18
CA ASN A 579 1.59 23.94 2.42
C ASN A 579 0.07 23.93 2.54
N GLY A 580 -0.52 25.12 2.55
CA GLY A 580 -1.96 25.26 2.67
C GLY A 580 -2.52 25.01 4.05
N ILE A 581 -1.69 24.70 5.03
CA ILE A 581 -2.12 24.46 6.40
C ILE A 581 -1.86 25.71 7.22
N LEU A 582 -2.86 26.14 7.98
CA LEU A 582 -2.76 27.32 8.81
C LEU A 582 -2.48 26.93 10.25
N TYR A 583 -1.47 27.57 10.86
CA TYR A 583 -1.11 27.33 12.24
C TYR A 583 -1.29 28.62 13.03
N ARG A 584 -1.78 28.50 14.26
CA ARG A 584 -1.94 29.63 15.15
C ARG A 584 -1.20 29.37 16.46
N VAL A 585 -1.00 30.45 17.22
CA VAL A 585 -0.45 30.31 18.55
C VAL A 585 -1.38 29.43 19.38
N GLY A 586 -0.82 28.37 19.95
CA GLY A 586 -1.59 27.42 20.73
C GLY A 586 -1.92 26.13 20.00
N ASP A 587 -1.59 26.03 18.72
CA ASP A 587 -1.85 24.81 17.97
C ASP A 587 -0.76 23.78 18.24
N GLY A 588 -1.10 22.52 17.97
CA GLY A 588 -0.13 21.44 18.04
C GLY A 588 0.57 21.26 16.71
N VAL A 589 1.88 21.02 16.77
CA VAL A 589 2.69 20.86 15.58
C VAL A 589 3.46 19.54 15.65
N TYR A 590 3.55 18.88 14.50
CA TYR A 590 4.46 17.76 14.31
C TYR A 590 5.85 18.27 13.98
N LEU A 591 6.86 17.69 14.60
CA LEU A 591 8.24 18.04 14.36
C LEU A 591 9.03 16.76 14.12
N PRO A 592 10.13 16.85 13.38
CA PRO A 592 10.97 15.66 13.21
C PRO A 592 11.54 15.22 14.55
N PRO A 593 11.73 13.92 14.74
CA PRO A 593 12.25 13.42 16.02
C PRO A 593 13.59 14.02 16.41
N GLU A 594 14.27 14.70 15.49
CA GLU A 594 15.54 15.36 15.77
C GLU A 594 15.38 16.85 16.05
N ALA A 595 14.15 17.38 16.07
CA ALA A 595 13.96 18.81 16.18
C ALA A 595 14.30 19.34 17.57
N PHE A 596 14.15 18.52 18.61
CA PHE A 596 14.59 18.90 19.95
C PHE A 596 14.79 17.65 20.77
N THR A 597 15.31 17.84 21.98
CA THR A 597 15.60 16.75 22.90
C THR A 597 14.94 17.03 24.25
N PHE A 598 14.79 15.97 25.03
CA PHE A 598 14.16 16.05 26.34
C PHE A 598 15.22 16.19 27.43
N ASN A 599 14.84 16.85 28.53
CA ASN A 599 15.77 17.03 29.63
C ASN A 599 16.07 15.73 30.36
N ILE A 600 15.23 14.71 30.21
CA ILE A 600 15.51 13.40 30.78
C ILE A 600 16.70 12.78 30.06
N LYS A 601 17.71 12.39 30.83
CA LYS A 601 18.88 11.72 30.25
C LYS A 601 18.48 10.35 29.73
N LEU A 602 18.71 10.12 28.44
CA LEU A 602 18.33 8.86 27.79
C LEU A 602 19.03 7.67 28.44
N PRO A 613 30.64 -18.73 19.15
CA PRO A 613 31.35 -19.64 20.05
C PRO A 613 30.49 -20.84 20.45
N VAL A 614 29.77 -21.40 19.48
CA VAL A 614 28.88 -22.51 19.73
C VAL A 614 29.57 -23.81 19.32
N ASP A 615 29.06 -24.92 19.83
CA ASP A 615 29.54 -26.24 19.44
C ASP A 615 29.03 -26.55 18.05
N GLU A 616 29.91 -26.47 17.06
CA GLU A 616 29.51 -26.68 15.66
C GLU A 616 29.13 -28.11 15.34
N ASP A 617 29.25 -29.03 16.29
CA ASP A 617 28.71 -30.38 16.12
C ASP A 617 27.43 -30.60 16.89
N LEU A 618 27.22 -29.86 17.98
CA LEU A 618 25.90 -29.80 18.59
C LEU A 618 24.95 -28.97 17.72
N TYR A 619 25.46 -27.90 17.12
CA TYR A 619 24.70 -27.00 16.27
C TYR A 619 25.40 -26.91 14.92
N PRO A 620 25.22 -27.91 14.05
CA PRO A 620 25.94 -27.92 12.77
C PRO A 620 25.37 -26.98 11.72
N GLU A 621 24.19 -26.42 11.95
CA GLU A 621 23.59 -25.48 11.01
C GLU A 621 23.72 -24.03 11.46
N HIS A 622 24.16 -23.79 12.70
CA HIS A 622 24.28 -22.43 13.20
C HIS A 622 25.19 -21.56 12.35
N TYR A 623 26.10 -22.17 11.58
CA TYR A 623 27.01 -21.40 10.75
C TYR A 623 26.27 -20.64 9.65
N ARG A 624 25.05 -21.04 9.32
CA ARG A 624 24.28 -20.36 8.29
C ARG A 624 23.75 -19.02 8.75
N LYS A 625 23.76 -18.75 10.06
CA LYS A 625 23.44 -17.44 10.62
C LYS A 625 24.70 -16.59 10.57
N TYR A 626 24.90 -15.87 9.47
CA TYR A 626 26.04 -14.96 9.37
C TYR A 626 25.64 -13.60 8.83
N SER A 627 24.36 -13.24 8.98
CA SER A 627 23.85 -11.96 8.49
C SER A 627 23.58 -10.96 9.58
N ASP A 628 23.18 -11.40 10.77
CA ASP A 628 22.77 -10.59 11.91
C ASP A 628 21.53 -9.77 11.62
N TYR A 629 20.95 -9.88 10.43
CA TYR A 629 19.66 -9.28 10.13
C TYR A 629 18.56 -10.18 10.70
N ILE A 630 17.69 -9.59 11.51
CA ILE A 630 16.61 -10.32 12.16
C ILE A 630 15.30 -9.88 11.53
N LYS A 631 14.55 -10.84 10.99
CA LYS A 631 13.22 -10.53 10.49
C LYS A 631 12.32 -10.07 11.62
N GLY A 632 11.46 -9.10 11.33
CA GLY A 632 10.52 -8.62 12.32
C GLY A 632 11.17 -7.97 13.52
N SER A 633 12.20 -7.17 13.30
CA SER A 633 12.91 -6.49 14.37
C SER A 633 12.65 -4.99 14.31
N ASN A 634 12.35 -4.40 15.45
CA ASN A 634 12.01 -2.98 15.55
C ASN A 634 13.16 -2.15 16.09
N LEU A 635 14.38 -2.67 16.09
CA LEU A 635 15.51 -1.91 16.60
C LEU A 635 15.93 -0.79 15.65
N ASP A 636 15.47 -0.82 14.40
CA ASP A 636 15.80 0.21 13.42
C ASP A 636 14.61 1.07 13.04
N ALA A 637 13.45 0.86 13.65
CA ALA A 637 12.31 1.71 13.39
C ALA A 637 12.56 3.10 13.97
N PRO A 638 12.15 4.15 13.26
CA PRO A 638 12.40 5.51 13.75
C PRO A 638 11.50 5.84 14.93
N GLU A 639 11.76 7.00 15.52
CA GLU A 639 10.86 7.49 16.55
C GLU A 639 9.70 8.25 15.90
N PRO A 640 8.53 8.26 16.54
CA PRO A 640 7.43 9.08 16.05
C PRO A 640 7.74 10.56 16.19
N TYR A 641 6.87 11.37 15.59
CA TYR A 641 7.04 12.82 15.60
C TYR A 641 7.22 13.35 17.02
N ARG A 642 7.97 14.44 17.13
CA ARG A 642 7.89 15.29 18.30
C ARG A 642 6.60 16.10 18.23
N ILE A 643 5.97 16.30 19.37
CA ILE A 643 4.74 17.07 19.46
C ILE A 643 5.05 18.36 20.20
N GLY A 644 4.66 19.50 19.62
CA GLY A 644 4.84 20.77 20.27
C GLY A 644 3.54 21.54 20.31
N ARG A 645 3.46 22.44 21.30
CA ARG A 645 2.38 23.43 21.33
C ARG A 645 2.98 24.80 21.05
N ILE A 646 2.49 25.46 20.01
CA ILE A 646 3.04 26.74 19.56
C ILE A 646 2.75 27.78 20.64
N LYS A 647 3.79 28.24 21.32
CA LYS A 647 3.63 29.30 22.30
C LYS A 647 3.68 30.68 21.64
N GLU A 648 4.56 30.87 20.65
CA GLU A 648 4.60 32.12 19.92
C GLU A 648 5.28 31.90 18.58
N ILE A 649 4.66 32.42 17.53
CA ILE A 649 5.29 32.52 16.20
C ILE A 649 5.96 33.87 16.12
N PHE A 650 7.21 33.91 15.66
CA PHE A 650 7.92 35.17 15.59
C PHE A 650 8.90 35.16 14.44
N CYS A 651 9.23 36.36 13.98
CA CYS A 651 10.23 36.57 12.94
C CYS A 651 11.31 37.53 13.44
N PRO A 652 12.57 37.21 13.21
CA PRO A 652 13.65 38.12 13.64
C PRO A 652 13.80 39.30 12.69
N LYS A 653 14.11 40.44 13.26
CA LYS A 653 14.25 41.66 12.48
C LYS A 653 15.61 41.72 11.80
N LYS A 654 15.62 42.16 10.55
CA LYS A 654 16.87 42.35 9.82
C LYS A 654 17.59 43.59 10.36
N SER A 655 18.72 43.91 9.73
CA SER A 655 19.46 45.11 10.11
C SER A 655 18.71 46.39 9.74
N ASN A 656 17.81 46.33 8.75
CA ASN A 656 17.04 47.50 8.36
C ASN A 656 15.92 47.84 9.35
N GLY A 657 15.76 47.05 10.41
CA GLY A 657 14.78 47.36 11.43
C GLY A 657 13.40 46.76 11.23
N ARG A 658 13.22 45.92 10.22
CA ARG A 658 11.94 45.30 9.93
C ARG A 658 12.12 43.80 9.74
N PRO A 659 11.06 43.02 9.95
CA PRO A 659 11.23 41.56 10.06
C PRO A 659 11.69 40.89 8.78
N ASN A 660 12.43 39.80 8.96
CA ASN A 660 12.72 38.87 7.88
C ASN A 660 11.54 37.90 7.77
N GLU A 661 10.71 38.08 6.75
CA GLU A 661 9.49 37.31 6.59
C GLU A 661 9.74 35.93 5.99
N THR A 662 11.01 35.53 5.82
CA THR A 662 11.35 34.20 5.37
C THR A 662 11.93 33.32 6.47
N ASP A 663 12.48 33.93 7.52
CA ASP A 663 13.04 33.18 8.65
C ASP A 663 12.02 33.08 9.76
N ILE A 664 10.93 32.37 9.46
CA ILE A 664 9.84 32.19 10.41
C ILE A 664 10.27 31.17 11.45
N LYS A 665 10.16 31.55 12.72
CA LYS A 665 10.50 30.68 13.84
C LYS A 665 9.28 30.51 14.74
N ILE A 666 9.20 29.36 15.40
CA ILE A 666 8.15 29.12 16.38
C ILE A 666 8.78 28.59 17.66
N ARG A 667 8.41 29.19 18.78
CA ARG A 667 8.71 28.65 20.09
C ARG A 667 7.59 27.69 20.48
N VAL A 668 7.95 26.63 21.18
CA VAL A 668 7.05 25.51 21.41
C VAL A 668 7.23 24.99 22.83
N ASN A 669 6.13 24.70 23.49
CA ASN A 669 6.12 23.88 24.68
C ASN A 669 6.23 22.42 24.27
N LYS A 670 7.17 21.70 24.89
CA LYS A 670 7.44 20.32 24.54
C LYS A 670 6.40 19.41 25.17
N PHE A 671 6.04 18.35 24.45
CA PHE A 671 5.20 17.30 24.99
C PHE A 671 6.00 16.02 25.07
N TYR A 672 5.81 15.28 26.16
CA TYR A 672 6.50 14.01 26.37
C TYR A 672 5.57 12.87 25.99
N ARG A 673 6.11 11.88 25.34
CA ARG A 673 5.37 10.64 25.27
C ARG A 673 5.72 9.78 26.48
N PRO A 674 4.86 8.83 26.84
CA PRO A 674 5.20 7.96 27.98
C PRO A 674 6.55 7.29 27.84
N GLU A 675 6.97 6.95 26.62
CA GLU A 675 8.28 6.35 26.38
C GLU A 675 9.40 7.38 26.40
N ASN A 676 9.09 8.67 26.51
CA ASN A 676 10.10 9.71 26.60
C ASN A 676 10.40 10.12 28.03
N THR A 677 9.58 9.72 28.99
CA THR A 677 9.81 10.06 30.39
C THR A 677 10.98 9.26 30.93
N HIS A 678 11.37 9.57 32.16
CA HIS A 678 12.45 8.85 32.81
C HIS A 678 12.17 7.37 32.93
N LYS A 679 10.89 6.97 32.92
CA LYS A 679 10.55 5.63 33.35
C LYS A 679 11.18 4.58 32.45
N SER A 680 10.65 4.44 31.22
CA SER A 680 11.19 3.51 30.24
C SER A 680 10.32 3.48 28.99
N THR A 681 10.75 2.74 27.97
CA THR A 681 9.82 2.36 26.92
C THR A 681 8.74 1.36 27.37
N PRO A 682 8.95 0.54 28.41
CA PRO A 682 7.79 -0.15 29.02
C PRO A 682 6.62 0.74 29.36
N ALA A 683 6.84 2.03 29.60
CA ALA A 683 5.73 2.95 29.85
C ALA A 683 4.77 3.02 28.66
N SER A 684 5.22 2.62 27.48
CA SER A 684 4.38 2.58 26.29
C SER A 684 3.57 1.30 26.16
N TYR A 685 3.82 0.31 27.02
CA TYR A 685 3.15 -0.98 26.85
C TYR A 685 1.65 -0.86 27.08
N HIS A 686 1.25 -0.27 28.20
CA HIS A 686 -0.16 -0.16 28.54
C HIS A 686 -0.77 1.19 28.21
N ALA A 687 0.04 2.18 27.85
CA ALA A 687 -0.46 3.53 27.66
C ALA A 687 -1.25 3.66 26.36
N ASP A 688 -2.01 4.74 26.26
CA ASP A 688 -2.72 5.07 25.04
C ASP A 688 -1.73 5.52 23.96
N ILE A 689 -2.07 5.24 22.71
CA ILE A 689 -1.17 5.53 21.61
C ILE A 689 -1.03 7.03 21.39
N ASN A 690 -1.97 7.83 21.89
CA ASN A 690 -1.98 9.28 21.72
C ASN A 690 -1.98 10.00 23.07
N LEU A 691 -1.41 9.37 24.09
CA LEU A 691 -1.30 9.99 25.40
C LEU A 691 0.02 10.76 25.50
N LEU A 692 -0.03 11.93 26.12
CA LEU A 692 1.14 12.78 26.27
C LEU A 692 1.22 13.31 27.69
N TYR A 693 2.35 13.93 28.00
CA TYR A 693 2.56 14.64 29.25
C TYR A 693 2.98 16.06 28.93
N TRP A 694 2.35 17.02 29.60
CA TRP A 694 2.73 18.42 29.45
C TRP A 694 4.06 18.67 30.14
N SER A 695 4.89 19.50 29.52
CA SER A 695 6.13 19.93 30.13
C SER A 695 6.24 21.45 30.03
N ASP A 696 6.94 22.04 30.99
CA ASP A 696 7.27 23.45 30.97
C ASP A 696 8.60 23.72 30.30
N GLU A 697 9.12 22.76 29.54
CA GLU A 697 10.32 22.94 28.76
C GLU A 697 9.96 23.45 27.38
N GLU A 698 10.75 24.38 26.87
CA GLU A 698 10.46 25.06 25.62
C GLU A 698 11.61 24.87 24.64
N ALA A 699 11.27 24.97 23.36
CA ALA A 699 12.24 24.81 22.28
C ALA A 699 11.88 25.75 21.14
N VAL A 700 12.89 26.32 20.52
CA VAL A 700 12.71 27.16 19.34
C VAL A 700 13.06 26.33 18.12
N VAL A 701 12.15 26.27 17.15
CA VAL A 701 12.39 25.55 15.90
C VAL A 701 12.02 26.47 14.74
N ASP A 702 12.42 26.08 13.54
CA ASP A 702 12.07 26.81 12.34
C ASP A 702 10.73 26.31 11.79
N PHE A 703 10.01 27.22 11.13
CA PHE A 703 8.71 26.87 10.57
C PHE A 703 8.84 25.84 9.46
N LYS A 704 9.94 25.86 8.71
CA LYS A 704 10.15 24.88 7.65
C LYS A 704 10.21 23.45 8.18
N ALA A 705 10.46 23.27 9.48
CA ALA A 705 10.60 21.94 10.05
C ALA A 705 9.27 21.30 10.38
N VAL A 706 8.18 22.07 10.44
CA VAL A 706 6.90 21.54 10.87
C VAL A 706 6.38 20.56 9.82
N GLN A 707 5.96 19.38 10.28
CA GLN A 707 5.49 18.32 9.40
C GLN A 707 3.98 18.21 9.36
N GLY A 708 3.27 19.09 10.02
CA GLY A 708 1.83 19.03 10.05
C GLY A 708 1.28 19.56 11.35
N ARG A 709 -0.03 19.69 11.39
CA ARG A 709 -0.75 20.20 12.55
C ARG A 709 -1.46 19.05 13.26
N CYS A 710 -1.47 19.08 14.58
CA CYS A 710 -2.20 18.11 15.38
C CYS A 710 -3.03 18.84 16.41
N THR A 711 -3.72 18.06 17.26
CA THR A 711 -4.56 18.60 18.32
C THR A 711 -4.16 17.96 19.63
N VAL A 712 -3.69 18.78 20.57
CA VAL A 712 -3.30 18.32 21.89
C VAL A 712 -4.20 18.98 22.91
N GLU A 713 -5.05 18.18 23.54
CA GLU A 713 -6.10 18.67 24.43
C GLU A 713 -5.84 18.20 25.85
N TYR A 714 -6.08 19.08 26.82
CA TYR A 714 -6.06 18.66 28.21
C TYR A 714 -7.22 17.70 28.44
N GLY A 715 -6.91 16.54 29.00
CA GLY A 715 -7.87 15.44 29.11
C GLY A 715 -9.20 15.76 29.76
N GLU A 716 -9.18 16.20 31.00
CA GLU A 716 -10.40 16.48 31.74
C GLU A 716 -10.94 17.88 31.52
N ASP A 717 -10.55 18.52 30.41
CA ASP A 717 -11.17 19.76 29.94
C ASP A 717 -12.09 19.53 28.76
N LEU A 718 -12.15 18.30 28.26
CA LEU A 718 -12.88 17.97 27.04
C LEU A 718 -14.37 17.85 27.34
N PRO A 719 -15.22 18.25 26.39
CA PRO A 719 -16.67 18.00 26.59
C PRO A 719 -17.04 16.54 26.42
N GLU A 720 -16.34 15.84 25.53
CA GLU A 720 -16.51 14.41 25.35
C GLU A 720 -15.72 13.68 26.42
N CYS A 721 -15.58 12.36 26.26
CA CYS A 721 -14.57 11.61 26.99
C CYS A 721 -13.41 11.33 26.04
N VAL A 722 -12.21 11.19 26.62
CA VAL A 722 -11.00 11.08 25.80
C VAL A 722 -11.06 9.90 24.84
N GLN A 723 -11.86 8.89 25.14
CA GLN A 723 -12.02 7.76 24.24
C GLN A 723 -12.84 8.14 23.01
N VAL A 724 -13.86 8.97 23.17
CA VAL A 724 -14.66 9.41 22.02
C VAL A 724 -13.96 10.56 21.30
N TYR A 725 -13.16 11.35 22.01
CA TYR A 725 -12.36 12.37 21.35
C TYR A 725 -11.24 11.76 20.52
N SER A 726 -10.67 10.64 20.99
CA SER A 726 -9.53 10.05 20.28
C SER A 726 -9.94 9.44 18.95
N MET A 727 -11.17 8.97 18.84
CA MET A 727 -11.67 8.36 17.61
C MET A 727 -12.41 9.35 16.73
N GLY A 728 -12.48 10.62 17.12
CA GLY A 728 -13.28 11.57 16.36
C GLY A 728 -12.66 11.95 15.04
N GLY A 729 -11.37 12.28 15.05
CA GLY A 729 -10.68 12.66 13.84
C GLY A 729 -9.21 12.32 13.91
N PRO A 730 -8.46 12.74 12.90
CA PRO A 730 -7.03 12.44 12.85
C PRO A 730 -6.20 13.43 13.64
N ASN A 731 -5.01 12.98 14.02
CA ASN A 731 -3.99 13.83 14.65
C ASN A 731 -4.49 14.39 15.99
N ARG A 732 -5.20 13.57 16.75
CA ARG A 732 -5.81 13.99 18.01
C ARG A 732 -5.04 13.37 19.16
N PHE A 733 -4.42 14.21 19.97
CA PHE A 733 -3.66 13.80 21.14
C PHE A 733 -4.29 14.44 22.38
N TYR A 734 -3.97 13.88 23.54
CA TYR A 734 -4.48 14.41 24.79
C TYR A 734 -3.47 14.16 25.90
N PHE A 735 -3.59 14.95 26.96
CA PHE A 735 -2.76 14.78 28.14
C PHE A 735 -3.59 15.03 29.39
N LEU A 736 -3.22 14.35 30.47
CA LEU A 736 -3.85 14.55 31.76
C LEU A 736 -2.91 15.11 32.81
N GLU A 737 -1.61 14.92 32.66
CA GLU A 737 -0.64 15.27 33.69
C GLU A 737 0.55 15.98 33.07
N ALA A 738 1.25 16.74 33.91
CA ALA A 738 2.47 17.41 33.52
C ALA A 738 3.66 16.65 34.05
N TYR A 739 4.72 16.57 33.24
CA TYR A 739 5.91 15.81 33.59
C TYR A 739 7.03 16.76 34.02
N ASN A 740 7.61 16.51 35.19
CA ASN A 740 8.78 17.23 35.67
C ASN A 740 9.99 16.33 35.50
N ALA A 741 10.87 16.69 34.57
CA ALA A 741 12.03 15.87 34.26
C ALA A 741 13.18 16.08 35.25
N LYS A 742 13.26 17.24 35.91
CA LYS A 742 14.33 17.46 36.87
C LYS A 742 14.07 16.74 38.19
N SER A 743 12.81 16.52 38.53
CA SER A 743 12.44 15.72 39.68
C SER A 743 11.83 14.39 39.29
N LYS A 744 11.66 14.14 37.99
CA LYS A 744 11.12 12.88 37.46
C LYS A 744 9.80 12.52 38.14
N SER A 745 8.84 13.44 38.05
CA SER A 745 7.56 13.27 38.71
C SER A 745 6.44 13.68 37.77
N PHE A 746 5.22 13.45 38.21
CA PHE A 746 4.02 13.84 37.49
C PHE A 746 3.14 14.69 38.40
N GLU A 747 2.67 15.81 37.88
CA GLU A 747 1.72 16.65 38.60
C GLU A 747 0.52 16.94 37.71
N ASP A 748 -0.35 17.82 38.15
CA ASP A 748 -1.33 18.25 37.18
C ASP A 748 -0.85 19.52 36.48
N PRO A 749 -1.19 19.70 35.21
CA PRO A 749 -0.63 20.82 34.44
C PRO A 749 -0.99 22.16 35.05
N PRO A 750 -0.26 23.21 34.71
CA PRO A 750 -0.60 24.54 35.22
C PRO A 750 -1.82 25.13 34.52
N ASN A 751 -2.16 26.37 34.85
CA ASN A 751 -3.35 26.98 34.27
C ASN A 751 -3.14 27.42 32.83
N HIS A 752 -1.92 27.80 32.46
CA HIS A 752 -1.63 28.17 31.08
C HIS A 752 -1.51 26.95 30.16
N ALA A 753 -1.74 25.75 30.69
CA ALA A 753 -1.76 24.54 29.87
C ALA A 753 -3.16 24.11 29.49
N ARG A 754 -4.16 24.43 30.31
CA ARG A 754 -5.54 24.11 30.00
C ARG A 754 -6.06 25.08 28.96
N SER A 755 -6.87 24.55 28.03
CA SER A 755 -7.35 25.28 26.86
C SER A 755 -6.18 25.73 25.98
N LEU A 786 -23.22 12.47 5.00
CA LEU A 786 -23.02 11.85 3.70
C LEU A 786 -23.64 10.46 3.66
N PRO A 787 -24.37 10.16 2.58
CA PRO A 787 -24.89 8.80 2.42
C PRO A 787 -23.78 7.83 2.09
N LYS A 788 -24.01 6.56 2.45
CA LYS A 788 -23.03 5.52 2.19
C LYS A 788 -23.12 5.04 0.75
N LEU A 789 -21.95 4.77 0.16
CA LEU A 789 -21.91 4.18 -1.17
C LEU A 789 -22.51 2.79 -1.14
N ARG A 790 -23.18 2.40 -2.22
CA ARG A 790 -23.62 1.02 -2.38
C ARG A 790 -22.45 0.23 -2.96
N THR A 791 -21.97 -0.75 -2.21
CA THR A 791 -20.70 -1.41 -2.52
C THR A 791 -20.92 -2.86 -2.89
N LEU A 792 -20.27 -3.26 -3.98
CA LEU A 792 -20.15 -4.66 -4.38
C LEU A 792 -18.71 -5.10 -4.13
N ASP A 793 -18.55 -6.12 -3.31
CA ASP A 793 -17.24 -6.68 -2.97
C ASP A 793 -17.08 -7.99 -3.73
N VAL A 794 -16.29 -7.97 -4.79
CA VAL A 794 -16.03 -9.17 -5.56
C VAL A 794 -14.75 -9.80 -5.05
N PHE A 795 -14.76 -11.13 -4.92
CA PHE A 795 -13.74 -11.87 -4.17
C PHE A 795 -13.68 -11.35 -2.74
N SER A 796 -14.83 -11.45 -2.06
CA SER A 796 -14.97 -10.84 -0.74
C SER A 796 -14.12 -11.56 0.30
N GLY A 797 -14.26 -12.88 0.40
CA GLY A 797 -13.60 -13.59 1.48
C GLY A 797 -14.38 -13.47 2.78
N CYS A 798 -13.64 -13.39 3.88
CA CYS A 798 -14.27 -13.14 5.18
C CYS A 798 -14.69 -11.69 5.33
N GLY A 799 -14.10 -10.78 4.57
CA GLY A 799 -14.56 -9.40 4.53
C GLY A 799 -13.73 -8.39 5.29
N GLY A 800 -12.39 -8.52 5.23
CA GLY A 800 -11.54 -7.56 5.90
C GLY A 800 -11.57 -6.19 5.24
N LEU A 801 -11.61 -6.16 3.91
CA LEU A 801 -11.71 -4.88 3.19
C LEU A 801 -13.08 -4.25 3.41
N SER A 802 -14.14 -5.06 3.39
CA SER A 802 -15.48 -4.53 3.68
C SER A 802 -15.58 -4.04 5.12
N GLU A 803 -14.97 -4.77 6.07
CA GLU A 803 -15.01 -4.32 7.46
C GLU A 803 -14.25 -3.01 7.65
N GLY A 804 -13.07 -2.91 7.05
CA GLY A 804 -12.31 -1.66 7.13
C GLY A 804 -13.05 -0.50 6.51
N PHE A 805 -13.69 -0.73 5.35
CA PHE A 805 -14.48 0.33 4.73
C PHE A 805 -15.70 0.68 5.57
N HIS A 806 -16.27 -0.31 6.27
CA HIS A 806 -17.45 -0.04 7.08
C HIS A 806 -17.12 0.80 8.29
N GLN A 807 -15.99 0.52 8.93
CA GLN A 807 -15.59 1.36 10.06
C GLN A 807 -15.04 2.70 9.62
N ALA A 808 -14.76 2.89 8.34
CA ALA A 808 -14.47 4.20 7.79
C ALA A 808 -15.73 5.00 7.48
N GLY A 809 -16.90 4.38 7.55
CA GLY A 809 -18.15 5.08 7.39
C GLY A 809 -18.49 5.53 5.99
N ILE A 810 -17.87 4.94 4.97
CA ILE A 810 -18.07 5.37 3.60
C ILE A 810 -18.99 4.45 2.82
N SER A 811 -19.07 3.18 3.16
CA SER A 811 -19.66 2.19 2.27
C SER A 811 -20.70 1.36 3.01
N ASP A 812 -21.54 0.72 2.20
CA ASP A 812 -22.52 -0.27 2.64
C ASP A 812 -22.42 -1.40 1.65
N THR A 813 -21.76 -2.49 2.05
CA THR A 813 -21.58 -3.63 1.15
C THR A 813 -22.90 -4.37 1.05
N LEU A 814 -23.57 -4.23 -0.10
CA LEU A 814 -24.86 -4.87 -0.29
C LEU A 814 -24.75 -6.18 -1.07
N TRP A 815 -23.64 -6.41 -1.75
CA TRP A 815 -23.46 -7.59 -2.57
C TRP A 815 -22.04 -8.10 -2.42
N ALA A 816 -21.89 -9.42 -2.34
CA ALA A 816 -20.60 -10.06 -2.26
C ALA A 816 -20.60 -11.31 -3.11
N ILE A 817 -19.50 -11.53 -3.84
CA ILE A 817 -19.31 -12.71 -4.65
C ILE A 817 -18.12 -13.48 -4.09
N GLU A 818 -18.37 -14.70 -3.63
CA GLU A 818 -17.36 -15.48 -2.92
C GLU A 818 -17.60 -16.95 -3.21
N MET A 819 -16.78 -17.54 -4.08
CA MET A 819 -16.98 -18.93 -4.45
C MET A 819 -16.73 -19.88 -3.29
N TRP A 820 -15.67 -19.65 -2.51
CA TRP A 820 -15.34 -20.53 -1.40
C TRP A 820 -16.36 -20.38 -0.28
N ASP A 821 -17.02 -21.48 0.06
CA ASP A 821 -18.18 -21.48 0.95
C ASP A 821 -17.85 -21.04 2.38
N PRO A 822 -16.75 -21.49 3.00
CA PRO A 822 -16.47 -21.00 4.37
C PRO A 822 -16.26 -19.50 4.45
N ALA A 823 -15.56 -18.91 3.48
CA ALA A 823 -15.42 -17.46 3.45
C ALA A 823 -16.77 -16.77 3.25
N ALA A 824 -17.63 -17.34 2.40
CA ALA A 824 -18.94 -16.77 2.18
C ALA A 824 -19.78 -16.81 3.46
N GLN A 825 -19.68 -17.90 4.22
CA GLN A 825 -20.41 -17.98 5.48
C GLN A 825 -19.86 -17.00 6.50
N ALA A 826 -18.54 -16.81 6.53
CA ALA A 826 -17.97 -15.80 7.42
C ALA A 826 -18.46 -14.40 7.05
N PHE A 827 -18.54 -14.11 5.75
CA PHE A 827 -19.06 -12.81 5.30
C PHE A 827 -20.52 -12.64 5.70
N ARG A 828 -21.32 -13.71 5.58
CA ARG A 828 -22.70 -13.64 6.03
C ARG A 828 -22.81 -13.45 7.54
N LEU A 829 -21.88 -14.02 8.30
CA LEU A 829 -21.91 -13.84 9.74
C LEU A 829 -21.51 -12.43 10.15
N ASN A 830 -20.63 -11.79 9.38
CA ASN A 830 -20.15 -10.46 9.70
C ASN A 830 -20.93 -9.36 9.00
N ASN A 831 -21.81 -9.71 8.06
CA ASN A 831 -22.56 -8.74 7.26
C ASN A 831 -23.97 -9.25 7.08
N PRO A 832 -24.78 -9.22 8.15
CA PRO A 832 -26.11 -9.85 8.08
C PRO A 832 -27.04 -9.23 7.06
N GLY A 833 -26.75 -8.04 6.55
CA GLY A 833 -27.64 -7.39 5.61
C GLY A 833 -27.09 -7.27 4.21
N SER A 834 -26.26 -8.23 3.81
CA SER A 834 -25.69 -8.28 2.47
C SER A 834 -26.16 -9.54 1.74
N THR A 835 -26.05 -9.49 0.42
CA THR A 835 -26.33 -10.63 -0.44
C THR A 835 -25.00 -11.22 -0.88
N VAL A 836 -24.66 -12.39 -0.36
CA VAL A 836 -23.43 -13.08 -0.71
C VAL A 836 -23.76 -14.12 -1.77
N PHE A 837 -23.14 -13.99 -2.93
CA PHE A 837 -23.32 -14.94 -4.04
C PHE A 837 -22.20 -15.97 -3.95
N THR A 838 -22.55 -17.19 -3.52
CA THR A 838 -21.60 -18.30 -3.49
C THR A 838 -21.53 -18.86 -4.91
N GLU A 839 -20.78 -18.15 -5.75
CA GLU A 839 -20.82 -18.36 -7.18
C GLU A 839 -19.56 -17.80 -7.81
N ASP A 840 -19.14 -18.41 -8.91
CA ASP A 840 -18.02 -17.87 -9.68
C ASP A 840 -18.40 -16.49 -10.23
N CYS A 841 -17.44 -15.59 -10.23
CA CYS A 841 -17.71 -14.23 -10.69
C CYS A 841 -17.98 -14.19 -12.19
N ASN A 842 -17.37 -15.11 -12.95
CA ASN A 842 -17.60 -15.16 -14.39
C ASN A 842 -19.03 -15.55 -14.72
N ILE A 843 -19.57 -16.55 -14.01
CA ILE A 843 -20.94 -16.98 -14.24
C ILE A 843 -21.93 -15.87 -13.89
N LEU A 844 -21.68 -15.16 -12.80
CA LEU A 844 -22.58 -14.09 -12.39
C LEU A 844 -22.52 -12.91 -13.35
N LEU A 845 -21.31 -12.56 -13.81
CA LEU A 845 -21.21 -11.47 -14.78
C LEU A 845 -21.87 -11.85 -16.11
N LYS A 846 -21.74 -13.10 -16.52
CA LYS A 846 -22.41 -13.55 -17.73
C LYS A 846 -23.92 -13.56 -17.54
N LEU A 847 -24.40 -13.79 -16.31
CA LEU A 847 -25.82 -13.71 -16.03
C LEU A 847 -26.32 -12.28 -16.11
N VAL A 848 -25.56 -11.32 -15.55
CA VAL A 848 -26.05 -9.95 -15.49
C VAL A 848 -25.88 -9.23 -16.82
N MET A 849 -24.90 -9.62 -17.65
CA MET A 849 -24.77 -8.97 -18.95
C MET A 849 -25.95 -9.30 -19.85
N ALA A 850 -26.55 -10.47 -19.67
CA ALA A 850 -27.89 -10.72 -20.16
C ALA A 850 -28.92 -10.23 -19.16
N GLY A 851 -30.17 -10.13 -19.60
CA GLY A 851 -31.20 -9.63 -18.70
C GLY A 851 -31.81 -10.69 -17.82
N GLU A 852 -31.01 -11.30 -16.95
CA GLU A 852 -31.49 -12.40 -16.13
C GLU A 852 -32.10 -11.93 -14.81
N THR A 853 -31.48 -10.93 -14.18
CA THR A 853 -32.06 -10.19 -13.05
C THR A 853 -32.11 -11.00 -11.76
N THR A 854 -31.80 -12.30 -11.84
CA THR A 854 -31.80 -13.15 -10.67
C THR A 854 -31.00 -14.41 -10.98
N ASN A 855 -30.53 -15.06 -9.93
CA ASN A 855 -29.70 -16.24 -10.06
C ASN A 855 -30.54 -17.49 -9.82
N SER A 856 -29.88 -18.66 -9.77
CA SER A 856 -30.58 -19.92 -9.59
C SER A 856 -31.36 -19.95 -8.28
N ARG A 857 -30.70 -19.65 -7.17
CA ARG A 857 -31.35 -19.66 -5.86
C ARG A 857 -32.33 -18.52 -5.67
N GLY A 858 -32.48 -17.63 -6.66
CA GLY A 858 -33.42 -16.54 -6.55
C GLY A 858 -32.89 -15.38 -5.74
N GLN A 859 -31.66 -14.96 -6.03
CA GLN A 859 -31.03 -13.83 -5.37
C GLN A 859 -30.90 -12.69 -6.37
N ARG A 860 -31.53 -11.56 -6.04
CA ARG A 860 -31.55 -10.41 -6.93
C ARG A 860 -30.14 -9.92 -7.26
N LEU A 861 -29.73 -10.08 -8.50
CA LEU A 861 -28.42 -9.62 -8.94
C LEU A 861 -28.41 -8.09 -9.01
N PRO A 862 -27.23 -7.47 -8.97
CA PRO A 862 -27.17 -6.02 -9.11
C PRO A 862 -27.14 -5.62 -10.58
N GLN A 863 -27.98 -4.66 -10.95
CA GLN A 863 -28.00 -4.10 -12.29
C GLN A 863 -27.24 -2.79 -12.31
N LYS A 864 -26.89 -2.35 -13.52
CA LYS A 864 -26.14 -1.10 -13.65
C LYS A 864 -26.99 0.06 -13.13
N GLY A 865 -26.39 0.83 -12.23
CA GLY A 865 -27.10 1.84 -11.46
C GLY A 865 -27.17 1.53 -9.98
N ASP A 866 -26.97 0.29 -9.60
CA ASP A 866 -27.01 -0.12 -8.20
C ASP A 866 -25.67 0.02 -7.51
N VAL A 867 -24.57 -0.10 -8.24
CA VAL A 867 -23.23 -0.21 -7.66
C VAL A 867 -22.55 1.15 -7.78
N GLU A 868 -22.37 1.82 -6.65
CA GLU A 868 -21.59 3.05 -6.61
C GLU A 868 -20.13 2.81 -6.25
N MET A 869 -19.82 1.68 -5.63
CA MET A 869 -18.44 1.35 -5.30
C MET A 869 -18.19 -0.12 -5.59
N LEU A 870 -17.10 -0.41 -6.27
CA LEU A 870 -16.72 -1.79 -6.60
C LEU A 870 -15.36 -2.06 -6.00
N CYS A 871 -15.33 -2.84 -4.92
CA CYS A 871 -14.08 -3.17 -4.27
C CYS A 871 -13.78 -4.66 -4.42
N GLY A 872 -12.50 -4.99 -4.41
CA GLY A 872 -12.13 -6.39 -4.41
C GLY A 872 -10.64 -6.58 -4.44
N GLY A 873 -10.23 -7.75 -3.99
CA GLY A 873 -8.90 -8.24 -4.24
C GLY A 873 -9.00 -9.55 -4.97
N PRO A 874 -8.61 -9.56 -6.24
CA PRO A 874 -8.63 -10.81 -7.00
C PRO A 874 -7.55 -11.74 -6.50
N PRO A 875 -7.67 -13.04 -6.77
CA PRO A 875 -6.67 -13.99 -6.27
C PRO A 875 -5.26 -13.58 -6.64
N CYS A 876 -4.37 -13.66 -5.65
CA CYS A 876 -2.97 -13.27 -5.80
C CYS A 876 -2.05 -14.45 -6.02
N GLN A 877 -2.56 -15.68 -5.93
CA GLN A 877 -1.71 -16.85 -5.91
C GLN A 877 -0.84 -16.95 -7.16
N GLY A 878 -1.33 -16.47 -8.30
CA GLY A 878 -0.50 -16.46 -9.50
C GLY A 878 0.45 -15.29 -9.60
N PHE A 879 0.23 -14.24 -8.80
CA PHE A 879 1.13 -13.09 -8.78
C PHE A 879 2.15 -13.16 -7.66
N SER A 880 1.89 -13.95 -6.62
CA SER A 880 2.80 -14.04 -5.48
C SER A 880 4.19 -14.48 -5.91
N GLY A 881 5.19 -13.98 -5.20
CA GLY A 881 6.57 -14.39 -5.43
C GLY A 881 6.93 -15.72 -4.82
N MET A 882 6.02 -16.33 -4.08
CA MET A 882 6.20 -17.67 -3.54
C MET A 882 5.74 -18.76 -4.48
N ASN A 883 4.84 -18.44 -5.41
CA ASN A 883 4.36 -19.40 -6.39
C ASN A 883 5.44 -19.68 -7.42
N ARG A 884 6.02 -20.88 -7.37
CA ARG A 884 7.07 -21.27 -8.29
C ARG A 884 6.55 -22.10 -9.47
N PHE A 885 5.24 -22.17 -9.64
CA PHE A 885 4.60 -22.75 -10.82
C PHE A 885 3.62 -21.77 -11.42
N ASN A 886 3.99 -20.50 -11.46
CA ASN A 886 3.08 -19.44 -11.90
C ASN A 886 2.92 -19.38 -13.41
N SER A 887 3.55 -20.30 -14.14
CA SER A 887 3.44 -20.38 -15.59
C SER A 887 2.54 -21.51 -16.05
N ARG A 888 1.89 -22.20 -15.12
CA ARG A 888 0.98 -23.29 -15.44
C ARG A 888 -0.46 -22.79 -15.44
N THR A 889 -1.35 -23.59 -16.04
CA THR A 889 -2.71 -23.13 -16.30
C THR A 889 -3.45 -22.74 -15.03
N TYR A 890 -3.11 -23.35 -13.90
CA TYR A 890 -3.75 -22.99 -12.64
C TYR A 890 -3.51 -21.52 -12.30
N SER A 891 -2.25 -21.09 -12.33
CA SER A 891 -1.95 -19.71 -12.02
C SER A 891 -2.34 -18.77 -13.15
N LYS A 892 -2.36 -19.25 -14.40
CA LYS A 892 -2.89 -18.44 -15.49
C LYS A 892 -4.36 -18.12 -15.27
N PHE A 893 -5.15 -19.11 -14.85
CA PHE A 893 -6.57 -18.88 -14.60
C PHE A 893 -6.79 -18.11 -13.31
N LYS A 894 -5.86 -18.20 -12.36
CA LYS A 894 -5.90 -17.32 -11.20
C LYS A 894 -5.69 -15.86 -11.63
N ASN A 895 -4.70 -15.62 -12.49
CA ASN A 895 -4.39 -14.28 -12.94
C ASN A 895 -5.44 -13.71 -13.88
N SER A 896 -6.22 -14.57 -14.55
CA SER A 896 -7.25 -14.10 -15.46
C SER A 896 -8.47 -13.53 -14.76
N LEU A 897 -8.53 -13.58 -13.43
CA LEU A 897 -9.68 -13.01 -12.72
C LEU A 897 -9.57 -11.51 -12.55
N VAL A 898 -8.38 -10.93 -12.74
CA VAL A 898 -8.25 -9.49 -12.83
C VAL A 898 -9.07 -8.97 -14.01
N VAL A 899 -9.10 -9.74 -15.09
CA VAL A 899 -9.88 -9.35 -16.26
C VAL A 899 -11.37 -9.39 -15.94
N SER A 900 -11.82 -10.42 -15.22
CA SER A 900 -13.22 -10.47 -14.80
C SER A 900 -13.58 -9.28 -13.93
N PHE A 901 -12.68 -8.93 -12.99
CA PHE A 901 -12.92 -7.77 -12.13
C PHE A 901 -13.01 -6.49 -12.95
N LEU A 902 -12.11 -6.30 -13.92
CA LEU A 902 -12.16 -5.11 -14.76
C LEU A 902 -13.41 -5.10 -15.64
N SER A 903 -13.93 -6.28 -15.98
CA SER A 903 -15.18 -6.31 -16.74
C SER A 903 -16.37 -5.96 -15.86
N TYR A 904 -16.34 -6.33 -14.58
CA TYR A 904 -17.31 -5.80 -13.64
C TYR A 904 -17.24 -4.28 -13.57
N CYS A 905 -16.01 -3.73 -13.51
CA CYS A 905 -15.84 -2.29 -13.47
C CYS A 905 -16.36 -1.62 -14.73
N ASP A 906 -16.18 -2.27 -15.88
CA ASP A 906 -16.67 -1.72 -17.14
C ASP A 906 -18.18 -1.76 -17.22
N TYR A 907 -18.79 -2.88 -16.81
CA TYR A 907 -20.24 -3.01 -16.93
C TYR A 907 -20.96 -2.09 -15.95
N TYR A 908 -20.53 -2.07 -14.69
CA TYR A 908 -21.28 -1.34 -13.66
C TYR A 908 -20.94 0.14 -13.62
N ARG A 909 -19.76 0.54 -14.08
CA ARG A 909 -19.32 1.93 -14.07
C ARG A 909 -19.53 2.61 -12.71
N PRO A 910 -18.93 2.08 -11.64
CA PRO A 910 -19.13 2.68 -10.32
C PRO A 910 -18.38 3.99 -10.16
N ARG A 911 -18.75 4.74 -9.12
CA ARG A 911 -18.06 5.97 -8.81
C ARG A 911 -16.62 5.71 -8.38
N PHE A 912 -16.41 4.71 -7.52
CA PHE A 912 -15.09 4.36 -7.03
C PHE A 912 -14.84 2.87 -7.23
N PHE A 913 -13.60 2.54 -7.56
CA PHE A 913 -13.17 1.19 -7.87
C PHE A 913 -11.86 0.93 -7.16
N LEU A 914 -11.77 -0.19 -6.43
CA LEU A 914 -10.57 -0.55 -5.70
C LEU A 914 -10.16 -1.97 -6.03
N LEU A 915 -8.94 -2.11 -6.54
CA LEU A 915 -8.31 -3.40 -6.76
C LEU A 915 -7.15 -3.56 -5.79
N GLU A 916 -7.15 -4.66 -5.05
CA GLU A 916 -6.08 -4.95 -4.11
C GLU A 916 -5.39 -6.25 -4.49
N ASN A 917 -4.06 -6.25 -4.42
CA ASN A 917 -3.30 -7.47 -4.67
C ASN A 917 -1.99 -7.40 -3.92
N VAL A 918 -1.20 -8.48 -4.02
CA VAL A 918 0.14 -8.47 -3.45
C VAL A 918 1.01 -7.47 -4.20
N ARG A 919 2.13 -7.10 -3.57
CA ARG A 919 3.04 -6.13 -4.16
C ARG A 919 3.52 -6.57 -5.54
N ASN A 920 3.69 -7.89 -5.74
CA ASN A 920 4.20 -8.44 -6.98
C ASN A 920 3.24 -8.30 -8.15
N PHE A 921 2.05 -7.72 -7.93
CA PHE A 921 1.15 -7.46 -9.04
C PHE A 921 1.70 -6.39 -9.98
N VAL A 922 2.46 -5.43 -9.44
CA VAL A 922 2.95 -4.33 -10.24
C VAL A 922 4.19 -4.70 -11.04
N SER A 923 4.87 -5.80 -10.71
CA SER A 923 6.08 -6.20 -11.41
C SER A 923 5.95 -7.53 -12.11
N PHE A 924 4.79 -8.17 -12.07
CA PHE A 924 4.61 -9.48 -12.68
C PHE A 924 4.60 -9.36 -14.20
N LYS A 925 5.38 -10.22 -14.86
CA LYS A 925 5.47 -10.27 -16.31
C LYS A 925 5.80 -8.91 -16.91
N ARG A 926 6.86 -8.29 -16.40
CA ARG A 926 7.35 -7.01 -16.90
C ARG A 926 6.32 -5.90 -16.72
N SER A 927 5.57 -5.97 -15.62
CA SER A 927 4.57 -4.97 -15.27
C SER A 927 3.48 -4.85 -16.34
N MET A 928 3.23 -5.93 -17.07
CA MET A 928 2.27 -5.86 -18.16
C MET A 928 0.83 -5.99 -17.68
N VAL A 929 0.60 -6.73 -16.59
CA VAL A 929 -0.76 -6.80 -16.05
C VAL A 929 -1.16 -5.45 -15.47
N LEU A 930 -0.24 -4.78 -14.77
CA LEU A 930 -0.53 -3.44 -14.27
C LEU A 930 -0.77 -2.47 -15.41
N LYS A 931 0.07 -2.53 -16.45
CA LYS A 931 -0.07 -1.64 -17.59
C LYS A 931 -1.41 -1.86 -18.29
N LEU A 932 -1.80 -3.12 -18.49
CA LEU A 932 -3.05 -3.42 -19.17
C LEU A 932 -4.25 -3.07 -18.31
N THR A 933 -4.13 -3.19 -16.99
CA THR A 933 -5.23 -2.78 -16.11
C THR A 933 -5.42 -1.28 -16.15
N LEU A 934 -4.33 -0.52 -16.07
CA LEU A 934 -4.44 0.93 -16.16
C LEU A 934 -4.92 1.37 -17.54
N ARG A 935 -4.54 0.63 -18.59
CA ARG A 935 -5.01 0.92 -19.93
C ARG A 935 -6.51 0.68 -20.05
N CYS A 936 -7.00 -0.44 -19.52
CA CYS A 936 -8.43 -0.68 -19.46
C CYS A 936 -9.15 0.44 -18.74
N LEU A 937 -8.60 0.87 -17.60
CA LEU A 937 -9.25 1.92 -16.82
C LEU A 937 -9.34 3.23 -17.61
N VAL A 938 -8.21 3.69 -18.18
CA VAL A 938 -8.26 4.94 -18.94
C VAL A 938 -9.08 4.79 -20.21
N ARG A 939 -9.23 3.57 -20.72
CA ARG A 939 -10.06 3.35 -21.89
C ARG A 939 -11.54 3.46 -21.54
N MET A 940 -11.93 3.00 -20.35
CA MET A 940 -13.31 3.18 -19.92
C MET A 940 -13.64 4.65 -19.73
N GLY A 941 -12.65 5.47 -19.38
CA GLY A 941 -12.88 6.86 -19.12
C GLY A 941 -12.66 7.18 -17.66
N TYR A 942 -11.84 6.38 -17.00
CA TYR A 942 -11.66 6.46 -15.56
C TYR A 942 -10.44 7.28 -15.19
N GLN A 943 -10.56 7.99 -14.08
CA GLN A 943 -9.38 8.52 -13.40
C GLN A 943 -8.76 7.40 -12.57
N CYS A 944 -7.49 7.09 -12.79
CA CYS A 944 -6.92 5.93 -12.11
C CYS A 944 -5.53 6.25 -11.59
N THR A 945 -5.16 5.50 -10.56
CA THR A 945 -3.83 5.61 -9.97
C THR A 945 -3.50 4.29 -9.29
N PHE A 946 -2.21 4.01 -9.18
CA PHE A 946 -1.73 2.81 -8.53
C PHE A 946 -0.69 3.17 -7.48
N GLY A 947 -0.47 2.26 -6.54
CA GLY A 947 0.53 2.48 -5.52
C GLY A 947 0.74 1.20 -4.73
N VAL A 948 1.66 1.27 -3.78
CA VAL A 948 1.93 0.17 -2.87
C VAL A 948 1.93 0.72 -1.45
N LEU A 949 1.22 0.04 -0.56
CA LEU A 949 1.08 0.46 0.82
C LEU A 949 1.58 -0.63 1.76
N GLN A 950 2.27 -0.21 2.81
CA GLN A 950 2.70 -1.10 3.88
C GLN A 950 1.65 -1.08 4.99
N ALA A 951 1.01 -2.22 5.22
CA ALA A 951 -0.09 -2.28 6.18
C ALA A 951 0.36 -1.91 7.58
N GLY A 952 1.59 -2.25 7.96
CA GLY A 952 2.06 -1.96 9.30
C GLY A 952 2.14 -0.49 9.63
N GLN A 953 2.22 0.36 8.60
CA GLN A 953 2.19 1.81 8.80
C GLN A 953 0.81 2.33 9.15
N TYR A 954 -0.19 1.45 9.31
CA TYR A 954 -1.55 1.89 9.57
C TYR A 954 -2.17 1.22 10.79
N GLY A 955 -1.39 0.46 11.56
CA GLY A 955 -1.86 0.01 12.85
C GLY A 955 -1.81 -1.47 13.13
N VAL A 956 -1.04 -2.24 12.36
CA VAL A 956 -0.87 -3.65 12.65
C VAL A 956 0.60 -3.96 12.84
N ALA A 957 0.89 -4.95 13.68
CA ALA A 957 2.24 -5.45 13.88
C ALA A 957 2.51 -6.57 12.87
N GLN A 958 2.70 -6.14 11.62
CA GLN A 958 2.93 -7.08 10.53
C GLN A 958 3.41 -6.32 9.32
N THR A 959 4.41 -6.86 8.64
CA THR A 959 4.84 -6.34 7.35
C THR A 959 3.96 -6.96 6.27
N ARG A 960 3.27 -6.11 5.51
CA ARG A 960 2.38 -6.57 4.45
C ARG A 960 2.32 -5.46 3.41
N ARG A 961 3.11 -5.58 2.35
CA ARG A 961 3.09 -4.63 1.25
C ARG A 961 2.07 -5.08 0.20
N ARG A 962 1.16 -4.20 -0.15
CA ARG A 962 0.06 -4.53 -1.03
C ARG A 962 -0.06 -3.48 -2.12
N ALA A 963 -0.27 -3.94 -3.35
CA ALA A 963 -0.56 -3.07 -4.47
C ALA A 963 -2.02 -2.67 -4.47
N ILE A 964 -2.28 -1.38 -4.65
CA ILE A 964 -3.62 -0.80 -4.61
C ILE A 964 -3.83 -0.01 -5.89
N ILE A 965 -4.95 -0.28 -6.56
CA ILE A 965 -5.38 0.49 -7.73
C ILE A 965 -6.69 1.18 -7.37
N LEU A 966 -6.69 2.50 -7.47
CA LEU A 966 -7.86 3.33 -7.22
C LEU A 966 -8.35 3.93 -8.52
N ALA A 967 -9.67 3.91 -8.72
CA ALA A 967 -10.28 4.51 -9.89
C ALA A 967 -11.51 5.31 -9.47
N ALA A 968 -11.70 6.45 -10.11
CA ALA A 968 -12.81 7.35 -9.84
C ALA A 968 -13.47 7.73 -11.15
N ALA A 969 -14.80 7.82 -11.13
CA ALA A 969 -15.56 8.20 -12.31
C ALA A 969 -15.22 9.62 -12.73
N PRO A 970 -15.48 9.98 -13.98
CA PRO A 970 -15.13 11.33 -14.46
C PRO A 970 -15.61 12.47 -13.57
N GLY A 971 -16.75 12.34 -12.93
CA GLY A 971 -17.24 13.42 -12.10
C GLY A 971 -16.70 13.49 -10.69
N GLU A 972 -15.79 12.60 -10.32
CA GLU A 972 -15.29 12.50 -8.95
C GLU A 972 -13.90 13.11 -8.83
N LYS A 973 -13.46 13.25 -7.59
CA LYS A 973 -12.05 13.52 -7.29
C LYS A 973 -11.34 12.19 -7.13
N LEU A 974 -10.20 12.04 -7.79
CA LEU A 974 -9.40 10.83 -7.65
C LEU A 974 -8.78 10.82 -6.25
N PRO A 975 -9.04 9.79 -5.44
CA PRO A 975 -8.52 9.79 -4.07
C PRO A 975 -7.01 9.69 -4.02
N LEU A 976 -6.46 10.21 -2.92
CA LEU A 976 -5.05 10.09 -2.61
C LEU A 976 -4.83 8.92 -1.66
N PHE A 977 -3.65 8.36 -1.70
CA PHE A 977 -3.34 7.28 -0.78
C PHE A 977 -3.09 7.83 0.62
N PRO A 978 -3.39 7.05 1.66
CA PRO A 978 -3.35 7.61 3.01
C PRO A 978 -1.93 7.82 3.51
N GLU A 979 -1.79 8.80 4.39
CA GLU A 979 -0.52 9.04 5.03
C GLU A 979 -0.25 7.99 6.11
N PRO A 980 0.99 7.54 6.26
CA PRO A 980 1.31 6.57 7.31
C PRO A 980 0.95 7.10 8.70
N LEU A 981 0.26 6.26 9.47
CA LEU A 981 -0.13 6.60 10.83
C LEU A 981 0.93 6.21 11.85
N HIS A 982 1.57 5.06 11.66
CA HIS A 982 2.55 4.55 12.61
C HIS A 982 3.91 4.46 11.95
N VAL A 983 4.96 4.61 12.76
CA VAL A 983 6.32 4.38 12.28
C VAL A 983 6.53 2.89 12.08
N PHE A 984 7.19 2.52 11.00
CA PHE A 984 7.45 1.12 10.71
C PHE A 984 8.89 0.95 10.27
N ALA A 985 9.37 -0.30 10.38
CA ALA A 985 10.75 -0.62 10.04
C ALA A 985 11.07 -0.17 8.63
N PRO A 986 12.20 0.50 8.41
CA PRO A 986 12.48 1.05 7.07
C PRO A 986 12.70 0.00 6.01
N ARG A 987 13.18 -1.19 6.38
CA ARG A 987 13.37 -2.24 5.38
C ARG A 987 12.04 -2.78 4.87
N ALA A 988 11.00 -2.71 5.69
CA ALA A 988 9.66 -3.13 5.30
C ALA A 988 8.89 -2.03 4.59
N CYS A 989 9.53 -0.90 4.29
CA CYS A 989 8.83 0.24 3.73
C CYS A 989 9.44 0.69 2.41
N GLN A 990 9.70 -0.26 1.52
CA GLN A 990 10.14 0.03 0.16
C GLN A 990 8.92 -0.08 -0.74
N LEU A 991 8.32 1.07 -1.07
CA LEU A 991 7.01 1.09 -1.70
C LEU A 991 7.02 1.75 -3.08
N SER A 992 8.19 1.99 -3.65
CA SER A 992 8.27 2.52 -5.00
C SER A 992 8.13 1.38 -6.02
N VAL A 993 7.70 1.75 -7.22
CA VAL A 993 7.39 0.77 -8.26
C VAL A 993 8.09 1.17 -9.55
N VAL A 994 8.94 0.30 -10.07
CA VAL A 994 9.66 0.58 -11.32
C VAL A 994 8.93 -0.10 -12.46
N VAL A 995 8.42 0.69 -13.39
CA VAL A 995 7.71 0.19 -14.56
C VAL A 995 8.45 0.71 -15.79
N ASP A 996 8.86 -0.21 -16.65
CA ASP A 996 9.55 0.12 -17.90
C ASP A 996 10.72 1.08 -17.64
N ASP A 997 11.52 0.77 -16.62
CA ASP A 997 12.71 1.51 -16.25
C ASP A 997 12.42 2.91 -15.72
N LYS A 998 11.19 3.17 -15.26
CA LYS A 998 10.84 4.46 -14.68
C LYS A 998 10.23 4.25 -13.31
N LYS A 999 10.67 5.05 -12.35
CA LYS A 999 10.26 4.89 -10.95
C LYS A 999 9.03 5.75 -10.66
N PHE A 1000 8.01 5.12 -10.09
CA PHE A 1000 6.78 5.78 -9.69
C PHE A 1000 6.59 5.61 -8.19
N VAL A 1001 6.33 6.71 -7.50
CA VAL A 1001 6.02 6.70 -6.09
C VAL A 1001 4.53 7.01 -5.92
N SER A 1002 4.06 6.88 -4.69
CA SER A 1002 2.73 7.34 -4.34
C SER A 1002 2.82 8.78 -3.82
N ASN A 1003 1.65 9.40 -3.65
CA ASN A 1003 1.60 10.78 -3.15
C ASN A 1003 2.02 10.89 -1.69
N ILE A 1004 2.37 9.78 -1.04
CA ILE A 1004 2.68 9.80 0.38
C ILE A 1004 3.92 10.64 0.64
N THR A 1005 3.85 11.48 1.68
CA THR A 1005 4.95 12.34 2.08
C THR A 1005 5.60 11.90 3.38
N ARG A 1006 4.86 11.24 4.27
CA ARG A 1006 5.43 10.76 5.53
C ARG A 1006 6.33 9.57 5.27
N LEU A 1007 7.61 9.82 5.02
CA LEU A 1007 8.56 8.75 4.70
C LEU A 1007 9.17 8.13 5.95
N SER A 1008 9.71 8.94 6.86
CA SER A 1008 10.44 8.43 8.00
C SER A 1008 9.57 8.29 9.25
N SER A 1009 9.01 9.39 9.72
CA SER A 1009 8.31 9.41 11.00
C SER A 1009 6.80 9.37 10.80
N GLY A 1010 6.07 9.54 11.90
CA GLY A 1010 4.63 9.48 11.90
C GLY A 1010 4.10 9.82 13.28
N PRO A 1011 2.80 10.07 13.38
CA PRO A 1011 2.24 10.48 14.68
C PRO A 1011 2.36 9.42 15.76
N PHE A 1012 2.20 8.15 15.40
CA PHE A 1012 2.07 7.09 16.38
C PHE A 1012 3.26 6.15 16.34
N ARG A 1013 3.42 5.38 17.42
CA ARG A 1013 4.49 4.41 17.54
C ARG A 1013 4.10 3.09 16.88
N THR A 1014 5.11 2.29 16.58
CA THR A 1014 4.88 0.99 15.95
C THR A 1014 4.10 0.06 16.86
N ILE A 1015 3.18 -0.69 16.27
CA ILE A 1015 2.54 -1.79 16.98
C ILE A 1015 3.49 -2.99 16.97
N THR A 1016 3.56 -3.70 18.08
CA THR A 1016 4.49 -4.81 18.23
C THR A 1016 3.71 -6.11 18.47
N VAL A 1017 4.46 -7.19 18.68
CA VAL A 1017 3.83 -8.48 18.97
C VAL A 1017 3.22 -8.46 20.37
N ARG A 1018 3.82 -7.72 21.29
CA ARG A 1018 3.27 -7.63 22.64
C ARG A 1018 2.02 -6.76 22.67
N ASP A 1019 2.00 -5.68 21.89
CA ASP A 1019 0.78 -4.92 21.73
C ASP A 1019 -0.32 -5.75 21.11
N THR A 1020 0.03 -6.85 20.45
CA THR A 1020 -0.91 -7.65 19.69
C THR A 1020 -1.48 -8.81 20.51
N MET A 1021 -0.63 -9.58 21.18
CA MET A 1021 -1.11 -10.82 21.77
C MET A 1021 -0.53 -11.09 23.15
N SER A 1022 -0.16 -10.05 23.89
CA SER A 1022 0.38 -10.26 25.22
C SER A 1022 -0.69 -10.59 26.25
N ASP A 1023 -1.97 -10.56 25.87
CA ASP A 1023 -3.06 -10.83 26.81
C ASP A 1023 -3.73 -12.17 26.56
N LEU A 1024 -3.38 -12.88 25.50
CA LEU A 1024 -3.98 -14.17 25.22
C LEU A 1024 -3.39 -15.24 26.13
N PRO A 1025 -4.21 -16.10 26.73
CA PRO A 1025 -3.70 -17.04 27.72
C PRO A 1025 -2.81 -18.10 27.10
N GLU A 1026 -2.13 -18.85 27.96
CA GLU A 1026 -1.26 -19.92 27.52
C GLU A 1026 -2.08 -21.06 26.95
N VAL A 1027 -1.71 -21.53 25.76
CA VAL A 1027 -2.38 -22.64 25.11
C VAL A 1027 -1.32 -23.58 24.54
N ARG A 1028 -1.74 -24.79 24.23
CA ARG A 1028 -0.82 -25.87 23.87
C ARG A 1028 -0.86 -26.13 22.38
N ASN A 1029 0.06 -26.97 21.93
CA ASN A 1029 0.12 -27.36 20.53
C ASN A 1029 -1.11 -28.17 20.15
N GLY A 1030 -1.81 -27.73 19.13
CA GLY A 1030 -3.02 -28.42 18.71
C GLY A 1030 -4.24 -28.08 19.54
N ALA A 1031 -4.46 -26.80 19.83
CA ALA A 1031 -5.62 -26.40 20.62
C ALA A 1031 -6.91 -26.65 19.83
N SER A 1032 -7.96 -27.06 20.55
CA SER A 1032 -9.24 -27.35 19.96
C SER A 1032 -10.40 -26.58 20.58
N ALA A 1033 -10.24 -26.05 21.80
CA ALA A 1033 -11.31 -25.35 22.48
C ALA A 1033 -11.57 -24.02 21.78
N LEU A 1034 -12.76 -23.87 21.19
CA LEU A 1034 -13.06 -22.70 20.39
C LEU A 1034 -13.27 -21.47 21.28
N GLU A 1035 -14.22 -21.55 22.20
CA GLU A 1035 -14.56 -20.44 23.07
C GLU A 1035 -13.97 -20.68 24.46
N ILE A 1036 -13.05 -19.81 24.86
CA ILE A 1036 -12.38 -19.93 26.15
C ILE A 1036 -12.48 -18.59 26.87
N SER A 1037 -11.83 -18.48 28.03
CA SER A 1037 -11.91 -17.28 28.85
C SER A 1037 -10.74 -16.34 28.59
N TYR A 1038 -11.02 -15.04 28.68
CA TYR A 1038 -9.99 -14.03 28.85
C TYR A 1038 -9.65 -13.96 30.33
N ASN A 1039 -8.59 -14.65 30.74
CA ASN A 1039 -8.15 -14.57 32.13
C ASN A 1039 -7.43 -13.23 32.31
N GLY A 1040 -8.21 -12.15 32.36
CA GLY A 1040 -7.70 -10.82 32.53
C GLY A 1040 -8.27 -9.85 31.51
N GLU A 1041 -7.94 -8.58 31.70
CA GLU A 1041 -8.36 -7.50 30.84
C GLU A 1041 -7.34 -7.28 29.74
N PRO A 1042 -7.67 -6.45 28.74
CA PRO A 1042 -6.65 -6.05 27.77
C PRO A 1042 -5.48 -5.34 28.44
N GLN A 1043 -4.31 -5.45 27.83
CA GLN A 1043 -3.09 -4.90 28.42
C GLN A 1043 -2.49 -3.75 27.63
N SER A 1044 -2.84 -3.59 26.36
CA SER A 1044 -2.29 -2.53 25.52
C SER A 1044 -3.43 -1.78 24.84
N TRP A 1045 -3.06 -0.62 24.28
CA TRP A 1045 -4.02 0.17 23.51
C TRP A 1045 -4.60 -0.63 22.35
N PHE A 1046 -3.75 -1.37 21.63
CA PHE A 1046 -4.20 -2.18 20.51
C PHE A 1046 -5.22 -3.23 20.97
N GLN A 1047 -5.01 -3.82 22.16
CA GLN A 1047 -5.93 -4.81 22.66
C GLN A 1047 -7.26 -4.18 23.08
N ARG A 1048 -7.23 -2.97 23.62
CA ARG A 1048 -8.48 -2.27 23.91
C ARG A 1048 -9.22 -1.90 22.65
N GLN A 1049 -8.50 -1.57 21.57
CA GLN A 1049 -9.16 -1.27 20.31
C GLN A 1049 -9.79 -2.51 19.71
N LEU A 1050 -9.09 -3.64 19.76
CA LEU A 1050 -9.59 -4.85 19.12
C LEU A 1050 -10.62 -5.59 19.96
N ARG A 1051 -10.61 -5.41 21.28
CA ARG A 1051 -11.61 -6.05 22.14
C ARG A 1051 -12.82 -5.17 22.38
N GLY A 1052 -12.61 -3.87 22.53
CA GLY A 1052 -13.68 -2.95 22.85
C GLY A 1052 -13.68 -2.55 24.31
N ALA A 1053 -14.80 -1.95 24.72
CA ALA A 1053 -15.00 -1.55 26.10
C ALA A 1053 -16.03 -2.41 26.83
N GLN A 1054 -17.03 -2.94 26.12
CA GLN A 1054 -17.98 -3.84 26.75
C GLN A 1054 -17.30 -5.13 27.20
N TYR A 1055 -17.67 -5.61 28.37
CA TYR A 1055 -17.03 -6.79 28.95
C TYR A 1055 -17.47 -8.03 28.19
N GLN A 1056 -16.53 -8.68 27.53
CA GLN A 1056 -16.78 -9.94 26.81
C GLN A 1056 -15.73 -10.96 27.25
N PRO A 1057 -16.05 -11.84 28.19
CA PRO A 1057 -15.06 -12.80 28.69
C PRO A 1057 -14.91 -14.01 27.78
N ILE A 1058 -15.43 -13.91 26.56
CA ILE A 1058 -15.38 -15.00 25.59
C ILE A 1058 -14.31 -14.68 24.56
N LEU A 1059 -13.29 -15.53 24.50
CA LEU A 1059 -12.23 -15.45 23.51
C LEU A 1059 -12.40 -16.59 22.52
N ARG A 1060 -12.62 -16.26 21.25
CA ARG A 1060 -12.88 -17.25 20.22
C ARG A 1060 -11.65 -17.47 19.36
N ASP A 1061 -11.46 -18.73 18.96
CA ASP A 1061 -10.48 -19.13 17.96
C ASP A 1061 -9.04 -18.93 18.42
N HIS A 1062 -8.77 -19.10 19.71
CA HIS A 1062 -7.40 -19.23 20.20
C HIS A 1062 -6.95 -20.69 20.09
N ILE A 1063 -6.95 -21.16 18.85
CA ILE A 1063 -6.72 -22.57 18.51
C ILE A 1063 -5.52 -22.66 17.57
N CYS A 1064 -4.65 -23.63 17.84
CA CYS A 1064 -3.42 -23.82 17.10
C CYS A 1064 -3.46 -25.13 16.33
N LYS A 1065 -2.70 -25.19 15.24
CA LYS A 1065 -2.61 -26.41 14.46
C LYS A 1065 -1.96 -27.51 15.28
N ASP A 1066 -2.35 -28.75 14.98
CA ASP A 1066 -1.81 -29.92 15.66
C ASP A 1066 -0.65 -30.45 14.84
N MET A 1067 0.56 -30.04 15.19
CA MET A 1067 1.76 -30.51 14.52
C MET A 1067 2.15 -31.87 15.07
N SER A 1068 2.89 -32.63 14.25
CA SER A 1068 3.26 -34.00 14.60
C SER A 1068 4.28 -33.99 15.73
N ALA A 1069 4.72 -35.19 16.12
CA ALA A 1069 5.65 -35.30 17.24
C ALA A 1069 7.02 -34.76 16.88
N LEU A 1070 7.46 -34.99 15.65
CA LEU A 1070 8.76 -34.45 15.22
C LEU A 1070 8.71 -32.94 15.10
N VAL A 1071 7.64 -32.39 14.52
CA VAL A 1071 7.50 -30.93 14.44
C VAL A 1071 7.39 -30.32 15.83
N ALA A 1072 6.72 -31.02 16.74
CA ALA A 1072 6.58 -30.53 18.10
C ALA A 1072 7.93 -30.53 18.81
N ALA A 1073 8.74 -31.57 18.63
CA ALA A 1073 10.06 -31.60 19.24
C ALA A 1073 10.99 -30.56 18.62
N ARG A 1074 10.79 -30.24 17.34
CA ARG A 1074 11.54 -29.15 16.73
C ARG A 1074 11.17 -27.81 17.34
N MET A 1075 9.86 -27.55 17.46
CA MET A 1075 9.40 -26.32 18.09
C MET A 1075 9.85 -26.22 19.54
N ARG A 1076 10.03 -27.37 20.20
CA ARG A 1076 10.54 -27.36 21.56
C ARG A 1076 12.00 -26.94 21.63
N HIS A 1077 12.77 -27.20 20.56
CA HIS A 1077 14.20 -26.98 20.55
C HIS A 1077 14.59 -25.72 19.77
N ILE A 1078 13.64 -24.85 19.49
CA ILE A 1078 13.93 -23.51 18.98
C ILE A 1078 14.10 -22.58 20.17
N PRO A 1079 15.29 -22.04 20.41
CA PRO A 1079 15.50 -21.17 21.58
C PRO A 1079 14.61 -19.93 21.53
N LEU A 1080 14.52 -19.26 22.68
CA LEU A 1080 13.62 -18.13 22.84
C LEU A 1080 14.23 -16.81 22.42
N ALA A 1081 15.55 -16.71 22.34
CA ALA A 1081 16.20 -15.47 21.95
C ALA A 1081 15.71 -15.02 20.58
N PRO A 1082 15.65 -13.71 20.33
CA PRO A 1082 15.14 -13.22 19.05
C PRO A 1082 16.01 -13.66 17.89
N GLY A 1083 15.37 -13.86 16.73
CA GLY A 1083 16.07 -14.33 15.55
C GLY A 1083 16.32 -15.82 15.51
N SER A 1084 15.75 -16.57 16.44
CA SER A 1084 15.94 -18.02 16.50
C SER A 1084 15.06 -18.70 15.46
N ASP A 1085 15.64 -19.64 14.73
CA ASP A 1085 14.91 -20.38 13.70
C ASP A 1085 15.51 -21.77 13.60
N TRP A 1086 15.24 -22.46 12.48
CA TRP A 1086 15.73 -23.82 12.30
C TRP A 1086 17.25 -23.94 12.40
N ARG A 1087 17.97 -22.84 12.20
CA ARG A 1087 19.42 -22.92 12.12
C ARG A 1087 20.12 -23.09 13.47
N ASP A 1088 19.43 -22.87 14.58
CA ASP A 1088 19.96 -23.22 15.89
C ASP A 1088 19.27 -24.43 16.48
N LEU A 1089 18.79 -25.32 15.60
CA LEU A 1089 18.36 -26.64 16.03
C LEU A 1089 19.58 -27.47 16.42
N PRO A 1090 19.45 -28.34 17.42
CA PRO A 1090 20.56 -29.25 17.76
C PRO A 1090 20.51 -30.54 16.96
N ASN A 1091 21.69 -31.03 16.61
CA ASN A 1091 21.82 -32.30 15.88
C ASN A 1091 21.94 -33.45 16.88
N ILE A 1092 20.84 -33.72 17.56
CA ILE A 1092 20.77 -34.78 18.55
C ILE A 1092 19.57 -35.66 18.23
N GLU A 1093 19.59 -36.86 18.78
CA GLU A 1093 18.43 -37.74 18.70
C GLU A 1093 17.54 -37.52 19.91
N VAL A 1094 16.24 -37.37 19.66
CA VAL A 1094 15.28 -37.03 20.69
C VAL A 1094 14.19 -38.10 20.71
N ARG A 1095 13.66 -38.37 21.91
CA ARG A 1095 12.57 -39.31 22.09
C ARG A 1095 11.26 -38.57 21.91
N LEU A 1096 10.59 -38.77 20.78
CA LEU A 1096 9.38 -38.05 20.48
C LEU A 1096 8.25 -38.49 21.42
N SER A 1097 7.13 -37.75 21.37
CA SER A 1097 6.00 -38.08 22.21
C SER A 1097 5.40 -39.43 21.84
N ASP A 1098 5.41 -39.78 20.57
CA ASP A 1098 4.97 -41.08 20.12
C ASP A 1098 6.10 -42.10 20.32
N GLY A 1099 5.93 -43.30 19.77
CA GLY A 1099 6.96 -44.31 19.88
C GLY A 1099 8.00 -44.19 18.79
N THR A 1100 8.78 -43.11 18.83
CA THR A 1100 9.77 -42.83 17.79
C THR A 1100 10.91 -42.02 18.39
N MET A 1101 12.12 -42.31 17.93
CA MET A 1101 13.30 -41.52 18.27
C MET A 1101 13.74 -40.77 17.02
N ALA A 1102 13.57 -39.45 17.04
CA ALA A 1102 14.06 -38.62 15.94
C ALA A 1102 15.55 -38.84 15.78
N ARG A 1103 15.98 -39.10 14.55
CA ARG A 1103 17.36 -39.51 14.33
C ARG A 1103 18.26 -38.30 14.07
N LYS A 1104 19.55 -38.58 13.93
CA LYS A 1104 20.57 -37.55 13.77
C LYS A 1104 20.84 -37.35 12.28
N LEU A 1105 20.90 -36.09 11.86
CA LEU A 1105 21.18 -35.77 10.48
C LEU A 1105 22.64 -36.06 10.17
N ARG A 1106 22.89 -36.75 9.07
CA ARG A 1106 24.24 -37.11 8.65
C ARG A 1106 24.67 -36.24 7.49
N TYR A 1107 25.87 -35.69 7.57
CA TYR A 1107 26.45 -34.90 6.49
C TYR A 1107 27.37 -35.84 5.71
N THR A 1108 26.88 -36.30 4.56
CA THR A 1108 27.56 -37.34 3.80
C THR A 1108 28.32 -36.81 2.59
N HIS A 1109 28.21 -35.53 2.28
CA HIS A 1109 28.85 -34.95 1.11
C HIS A 1109 29.53 -33.64 1.50
N HIS A 1110 30.53 -33.27 0.70
CA HIS A 1110 31.31 -32.06 0.97
C HIS A 1110 30.73 -30.89 0.18
N ASP A 1111 30.31 -29.85 0.89
CA ASP A 1111 29.75 -28.64 0.28
C ASP A 1111 30.89 -27.68 0.02
N ARG A 1112 31.33 -27.62 -1.24
CA ARG A 1112 32.50 -26.81 -1.58
C ARG A 1112 32.28 -25.31 -1.38
N LYS A 1113 31.02 -24.88 -1.26
CA LYS A 1113 30.75 -23.47 -1.00
C LYS A 1113 30.73 -23.16 0.50
N ASN A 1114 30.07 -24.00 1.29
CA ASN A 1114 30.03 -23.81 2.73
C ASN A 1114 31.30 -24.29 3.42
N GLY A 1115 32.11 -25.11 2.75
CA GLY A 1115 33.31 -25.62 3.36
C GLY A 1115 33.00 -26.64 4.44
N ARG A 1116 33.99 -26.85 5.31
CA ARG A 1116 33.88 -27.77 6.43
C ARG A 1116 33.74 -27.00 7.74
N SER A 1117 33.24 -27.70 8.76
CA SER A 1117 33.06 -27.11 10.07
C SER A 1117 34.40 -27.02 10.78
N SER A 1118 34.38 -26.60 12.05
CA SER A 1118 35.62 -26.51 12.83
C SER A 1118 36.18 -27.89 13.13
N SER A 1119 35.32 -28.84 13.49
CA SER A 1119 35.76 -30.20 13.76
C SER A 1119 36.06 -30.99 12.50
N GLY A 1120 36.01 -30.36 11.32
CA GLY A 1120 36.24 -31.08 10.08
C GLY A 1120 35.06 -31.84 9.54
N ALA A 1121 33.88 -31.65 10.10
CA ALA A 1121 32.71 -32.36 9.63
C ALA A 1121 32.18 -31.75 8.34
N LEU A 1122 31.59 -32.59 7.50
CA LEU A 1122 31.04 -32.14 6.24
C LEU A 1122 29.78 -31.30 6.50
N ARG A 1123 29.28 -30.69 5.42
CA ARG A 1123 28.09 -29.84 5.53
C ARG A 1123 27.09 -30.09 4.41
N GLY A 1124 27.37 -30.97 3.47
CA GLY A 1124 26.41 -31.33 2.45
C GLY A 1124 25.61 -32.56 2.85
N VAL A 1125 24.38 -32.63 2.36
CA VAL A 1125 23.47 -33.73 2.69
C VAL A 1125 23.01 -34.49 1.45
N CYS A 1126 23.46 -34.10 0.27
CA CYS A 1126 23.10 -34.78 -0.96
C CYS A 1126 24.20 -34.55 -1.98
N SER A 1127 24.19 -35.36 -3.05
CA SER A 1127 25.18 -35.20 -4.10
C SER A 1127 24.98 -33.92 -4.90
N CYS A 1128 23.90 -33.16 -4.64
CA CYS A 1128 23.69 -31.90 -5.32
C CYS A 1128 24.76 -30.87 -5.00
N VAL A 1129 25.47 -31.02 -3.88
CA VAL A 1129 26.38 -29.96 -3.44
C VAL A 1129 27.52 -29.77 -4.44
N GLU A 1130 27.91 -30.81 -5.16
CA GLU A 1130 28.91 -30.68 -6.21
C GLU A 1130 28.21 -30.18 -7.47
N ALA A 1131 28.52 -28.95 -7.87
CA ALA A 1131 27.85 -28.34 -9.02
C ALA A 1131 28.01 -29.21 -10.26
N GLY A 1132 26.90 -29.36 -10.99
CA GLY A 1132 26.91 -30.21 -12.17
C GLY A 1132 26.70 -31.67 -11.89
N LYS A 1133 25.89 -32.01 -10.90
CA LYS A 1133 25.59 -33.40 -10.57
C LYS A 1133 24.14 -33.49 -10.10
N ALA A 1134 23.53 -34.64 -10.35
CA ALA A 1134 22.13 -34.84 -10.02
C ALA A 1134 21.98 -35.37 -8.60
N CYS A 1135 20.79 -35.14 -8.04
CA CYS A 1135 20.48 -35.66 -6.72
C CYS A 1135 20.50 -37.18 -6.74
N ASP A 1136 20.63 -37.76 -5.55
CA ASP A 1136 20.66 -39.21 -5.38
C ASP A 1136 19.45 -39.62 -4.55
N PRO A 1137 18.60 -40.52 -5.04
CA PRO A 1137 17.46 -40.96 -4.22
C PRO A 1137 17.88 -41.95 -3.14
N ALA A 1138 18.99 -41.64 -2.48
CA ALA A 1138 19.43 -42.36 -1.28
C ALA A 1138 19.99 -41.43 -0.23
N ALA A 1139 20.31 -40.18 -0.58
CA ALA A 1139 20.78 -39.18 0.38
C ALA A 1139 19.65 -38.50 1.14
N ARG A 1140 18.40 -38.74 0.74
CA ARG A 1140 17.26 -38.19 1.47
C ARG A 1140 17.17 -38.86 2.83
N GLN A 1141 17.19 -38.05 3.90
CA GLN A 1141 17.17 -38.54 5.26
C GLN A 1141 15.87 -38.13 5.94
N PHE A 1142 15.23 -39.09 6.61
CA PHE A 1142 13.95 -38.90 7.25
C PHE A 1142 14.08 -38.89 8.77
N ASN A 1143 13.04 -38.38 9.42
CA ASN A 1143 12.88 -38.47 10.88
C ASN A 1143 14.02 -37.78 11.62
N THR A 1144 14.56 -36.71 11.06
CA THR A 1144 15.63 -35.96 11.68
C THR A 1144 15.07 -34.73 12.38
N LEU A 1145 15.76 -34.30 13.45
CA LEU A 1145 15.36 -33.09 14.14
C LEU A 1145 15.65 -31.86 13.30
N ILE A 1146 16.76 -31.87 12.57
CA ILE A 1146 17.04 -30.87 11.55
C ILE A 1146 16.45 -31.37 10.24
N PRO A 1147 15.49 -30.66 9.64
CA PRO A 1147 14.85 -31.18 8.41
C PRO A 1147 15.83 -31.18 7.25
N TRP A 1148 15.97 -32.33 6.61
CA TRP A 1148 17.03 -32.54 5.62
C TRP A 1148 16.89 -31.60 4.42
N CYS A 1149 15.66 -31.28 4.02
CA CYS A 1149 15.46 -30.43 2.84
C CYS A 1149 15.98 -29.02 3.03
N LEU A 1150 16.18 -28.57 4.26
CA LEU A 1150 16.60 -27.19 4.49
C LEU A 1150 18.09 -27.02 4.24
N PRO A 1151 18.97 -27.89 4.73
CA PRO A 1151 20.35 -27.86 4.23
C PRO A 1151 20.48 -28.39 2.83
N HIS A 1152 19.51 -29.18 2.35
CA HIS A 1152 19.56 -29.66 0.97
C HIS A 1152 19.59 -28.51 -0.03
N THR A 1153 18.69 -27.54 0.13
CA THR A 1153 18.57 -26.44 -0.82
C THR A 1153 18.72 -25.09 -0.16
N GLY A 1154 19.33 -25.02 1.02
CA GLY A 1154 19.45 -23.75 1.72
C GLY A 1154 20.35 -22.75 1.01
N ASN A 1155 21.34 -23.23 0.27
CA ASN A 1155 22.34 -22.33 -0.29
C ASN A 1155 21.75 -21.43 -1.36
N ARG A 1156 20.66 -21.84 -2.00
CA ARG A 1156 20.02 -21.04 -3.03
C ARG A 1156 18.66 -20.49 -2.59
N HIS A 1157 18.37 -20.54 -1.30
CA HIS A 1157 17.09 -20.08 -0.78
C HIS A 1157 17.29 -19.23 0.47
N ASN A 1158 18.33 -18.41 0.48
CA ASN A 1158 18.64 -17.51 1.59
C ASN A 1158 18.81 -18.25 2.91
N HIS A 1159 19.31 -19.48 2.85
CA HIS A 1159 19.48 -20.35 4.00
C HIS A 1159 18.18 -20.64 4.73
N TRP A 1160 17.06 -20.49 4.03
CA TRP A 1160 15.72 -20.71 4.60
C TRP A 1160 15.55 -19.93 5.90
N ALA A 1161 16.06 -18.70 5.89
CA ALA A 1161 15.98 -17.83 7.06
C ALA A 1161 14.52 -17.59 7.45
N GLY A 1162 14.20 -17.85 8.71
CA GLY A 1162 12.86 -17.65 9.21
C GLY A 1162 12.04 -18.91 9.37
N LEU A 1163 12.49 -20.04 8.82
CA LEU A 1163 11.74 -21.28 8.94
C LEU A 1163 11.93 -21.85 10.33
N TYR A 1164 10.81 -22.26 10.95
CA TYR A 1164 10.77 -22.62 12.36
C TYR A 1164 11.20 -21.45 13.24
N GLY A 1165 10.94 -20.23 12.78
CA GLY A 1165 11.39 -19.04 13.48
C GLY A 1165 10.37 -18.52 14.46
N ARG A 1166 10.87 -17.95 15.55
CA ARG A 1166 10.05 -17.36 16.59
C ARG A 1166 9.83 -15.88 16.33
N LEU A 1167 8.73 -15.37 16.87
CA LEU A 1167 8.49 -13.93 16.92
C LEU A 1167 9.06 -13.38 18.21
N GLU A 1168 9.48 -12.12 18.17
CA GLU A 1168 9.97 -11.44 19.35
C GLU A 1168 8.91 -10.46 19.83
N TRP A 1169 8.80 -10.31 21.15
CA TRP A 1169 7.75 -9.47 21.73
C TRP A 1169 7.89 -8.02 21.29
N ASP A 1170 9.10 -7.57 21.02
CA ASP A 1170 9.34 -6.19 20.63
C ASP A 1170 9.26 -5.96 19.13
N GLY A 1171 9.01 -7.01 18.34
CA GLY A 1171 9.03 -6.93 16.91
C GLY A 1171 7.65 -6.98 16.29
N PHE A 1172 7.62 -7.27 15.00
CA PHE A 1172 6.38 -7.40 14.25
C PHE A 1172 6.32 -8.77 13.57
N PHE A 1173 5.12 -9.10 13.10
CA PHE A 1173 4.92 -10.33 12.34
C PHE A 1173 5.46 -10.19 10.93
N SER A 1174 5.73 -11.32 10.32
CA SER A 1174 5.92 -11.36 8.87
C SER A 1174 4.57 -11.58 8.20
N THR A 1175 4.55 -11.44 6.88
CA THR A 1175 3.29 -11.44 6.12
C THR A 1175 2.45 -12.67 6.43
N THR A 1176 1.30 -12.45 7.05
CA THR A 1176 0.42 -13.55 7.44
C THR A 1176 -0.19 -14.19 6.19
N VAL A 1177 0.13 -15.46 5.97
CA VAL A 1177 -0.35 -16.19 4.82
C VAL A 1177 -1.45 -17.15 5.26
N THR A 1178 -2.10 -17.78 4.28
CA THR A 1178 -3.29 -18.58 4.52
C THR A 1178 -3.02 -19.88 5.28
N ASN A 1179 -1.77 -20.20 5.58
CA ASN A 1179 -1.45 -21.38 6.36
C ASN A 1179 -0.14 -21.19 7.09
N PRO A 1180 -0.17 -21.00 8.41
CA PRO A 1180 1.10 -20.84 9.14
C PRO A 1180 1.85 -22.15 9.25
N GLU A 1181 2.90 -22.30 8.46
CA GLU A 1181 3.67 -23.53 8.39
C GLU A 1181 5.11 -23.24 8.80
N PRO A 1182 5.63 -23.85 9.86
CA PRO A 1182 7.02 -23.57 10.26
C PRO A 1182 8.04 -23.90 9.20
N MET A 1183 7.72 -24.81 8.27
CA MET A 1183 8.60 -25.10 7.15
C MET A 1183 8.06 -24.53 5.84
N GLY A 1184 7.17 -23.54 5.93
CA GLY A 1184 6.69 -22.86 4.75
C GLY A 1184 7.68 -21.82 4.26
N LYS A 1185 7.40 -21.29 3.07
CA LYS A 1185 8.22 -20.23 2.53
C LYS A 1185 8.24 -19.02 3.46
N GLN A 1186 7.10 -18.70 4.04
CA GLN A 1186 6.99 -17.76 5.16
C GLN A 1186 6.71 -18.61 6.39
N GLY A 1187 7.76 -18.94 7.14
CA GLY A 1187 7.64 -19.90 8.22
C GLY A 1187 7.97 -19.39 9.60
N ARG A 1188 8.05 -18.07 9.75
CA ARG A 1188 8.36 -17.44 11.03
C ARG A 1188 7.06 -17.28 11.84
N VAL A 1189 6.56 -18.41 12.33
CA VAL A 1189 5.21 -18.48 12.88
C VAL A 1189 5.19 -19.12 14.26
N LEU A 1190 6.35 -19.27 14.89
CA LEU A 1190 6.40 -19.83 16.23
C LEU A 1190 6.14 -18.75 17.26
N HIS A 1191 5.41 -19.12 18.31
CA HIS A 1191 5.10 -18.19 19.38
C HIS A 1191 6.38 -17.71 20.05
N PRO A 1192 6.40 -16.49 20.59
CA PRO A 1192 7.61 -16.01 21.26
C PRO A 1192 8.06 -16.87 22.43
N GLU A 1193 7.12 -17.37 23.23
CA GLU A 1193 7.45 -18.08 24.46
C GLU A 1193 6.98 -19.53 24.47
N GLN A 1194 5.82 -19.82 23.89
CA GLN A 1194 5.26 -21.14 23.93
C GLN A 1194 5.76 -21.97 22.76
N HIS A 1195 5.80 -23.29 22.95
CA HIS A 1195 6.36 -24.20 21.95
C HIS A 1195 5.26 -24.66 21.00
N ARG A 1196 4.80 -23.71 20.19
CA ARG A 1196 3.68 -23.96 19.30
C ARG A 1196 3.67 -22.92 18.19
N VAL A 1197 2.72 -23.07 17.28
CA VAL A 1197 2.50 -22.16 16.16
C VAL A 1197 1.45 -21.12 16.58
N VAL A 1198 1.54 -19.92 16.01
CA VAL A 1198 0.61 -18.85 16.34
C VAL A 1198 -0.83 -19.32 16.10
N SER A 1199 -1.73 -18.89 16.97
CA SER A 1199 -3.12 -19.33 16.91
C SER A 1199 -3.85 -18.63 15.77
N VAL A 1200 -5.14 -18.96 15.65
CA VAL A 1200 -5.99 -18.22 14.71
C VAL A 1200 -6.29 -16.84 15.27
N ARG A 1201 -6.47 -16.74 16.58
CA ARG A 1201 -6.69 -15.44 17.20
C ARG A 1201 -5.49 -14.52 17.03
N GLU A 1202 -4.29 -15.08 17.17
CA GLU A 1202 -3.08 -14.27 17.03
C GLU A 1202 -2.86 -13.85 15.57
N CYS A 1203 -3.27 -14.70 14.62
CA CYS A 1203 -3.16 -14.30 13.22
C CYS A 1203 -4.18 -13.22 12.88
N ALA A 1204 -5.41 -13.37 13.37
CA ALA A 1204 -6.42 -12.35 13.17
C ALA A 1204 -6.03 -11.03 13.83
N ARG A 1205 -5.30 -11.10 14.95
CA ARG A 1205 -4.83 -9.88 15.58
C ARG A 1205 -3.63 -9.27 14.86
N SER A 1206 -2.77 -10.09 14.24
CA SER A 1206 -1.72 -9.53 13.40
C SER A 1206 -2.29 -8.87 12.16
N GLN A 1207 -3.54 -9.18 11.80
CA GLN A 1207 -4.21 -8.58 10.66
C GLN A 1207 -5.12 -7.43 11.07
N GLY A 1208 -5.25 -7.16 12.36
CA GLY A 1208 -6.09 -6.06 12.81
C GLY A 1208 -7.56 -6.37 12.87
N PHE A 1209 -7.93 -7.62 12.98
CA PHE A 1209 -9.34 -7.97 13.04
C PHE A 1209 -9.86 -7.76 14.47
N PRO A 1210 -11.05 -7.15 14.61
CA PRO A 1210 -11.66 -7.07 15.94
C PRO A 1210 -11.90 -8.46 16.51
N ASP A 1211 -11.70 -8.60 17.81
CA ASP A 1211 -11.85 -9.90 18.46
C ASP A 1211 -13.26 -10.45 18.36
N THR A 1212 -14.22 -9.64 17.89
CA THR A 1212 -15.58 -10.08 17.67
C THR A 1212 -15.85 -10.47 16.23
N TYR A 1213 -14.88 -10.29 15.33
CA TYR A 1213 -15.09 -10.65 13.93
C TYR A 1213 -15.19 -12.16 13.78
N ARG A 1214 -16.15 -12.59 12.98
CA ARG A 1214 -16.51 -14.00 12.90
C ARG A 1214 -15.74 -14.70 11.79
N LEU A 1215 -15.16 -15.85 12.12
CA LEU A 1215 -14.56 -16.75 11.15
C LEU A 1215 -15.35 -18.05 11.14
N PHE A 1216 -15.14 -18.84 10.09
CA PHE A 1216 -15.97 -20.01 9.87
C PHE A 1216 -15.14 -21.19 9.38
N GLY A 1217 -15.52 -22.38 9.84
CA GLY A 1217 -14.98 -23.62 9.35
C GLY A 1217 -14.01 -24.26 10.33
N ASN A 1218 -13.21 -25.17 9.79
CA ASN A 1218 -12.13 -25.76 10.58
C ASN A 1218 -10.94 -24.82 10.62
N ILE A 1219 -9.94 -25.19 11.41
CA ILE A 1219 -8.81 -24.31 11.69
C ILE A 1219 -8.08 -23.93 10.41
N LEU A 1220 -8.08 -24.80 9.41
CA LEU A 1220 -7.44 -24.45 8.14
C LEU A 1220 -8.26 -23.40 7.38
N ASP A 1221 -9.58 -23.59 7.34
CA ASP A 1221 -10.45 -22.59 6.75
C ASP A 1221 -10.30 -21.23 7.45
N LYS A 1222 -10.21 -21.24 8.78
CA LYS A 1222 -10.10 -20.00 9.54
C LYS A 1222 -8.77 -19.33 9.27
N HIS A 1223 -7.67 -20.09 9.28
CA HIS A 1223 -6.37 -19.53 8.96
C HIS A 1223 -6.37 -18.96 7.55
N ARG A 1224 -7.09 -19.60 6.62
CA ARG A 1224 -7.11 -19.12 5.24
C ARG A 1224 -7.91 -17.83 5.11
N GLN A 1225 -9.06 -17.76 5.77
CA GLN A 1225 -9.83 -16.52 5.83
C GLN A 1225 -8.98 -15.39 6.40
N VAL A 1226 -8.26 -15.65 7.49
CA VAL A 1226 -7.47 -14.62 8.13
C VAL A 1226 -6.31 -14.17 7.25
N GLY A 1227 -5.59 -15.13 6.64
CA GLY A 1227 -4.44 -14.78 5.85
C GLY A 1227 -4.74 -14.26 4.47
N ASN A 1228 -5.98 -14.43 4.00
CA ASN A 1228 -6.38 -13.87 2.71
C ASN A 1228 -6.82 -12.41 2.80
N ALA A 1229 -7.21 -11.96 3.98
CA ALA A 1229 -7.96 -10.72 4.09
C ALA A 1229 -7.06 -9.50 3.94
N VAL A 1230 -7.69 -8.38 3.63
CA VAL A 1230 -7.04 -7.07 3.73
C VAL A 1230 -7.15 -6.59 5.18
N PRO A 1231 -6.05 -6.22 5.82
CA PRO A 1231 -6.11 -5.75 7.20
C PRO A 1231 -7.08 -4.58 7.34
N PRO A 1232 -8.06 -4.69 8.21
CA PRO A 1232 -9.09 -3.65 8.34
C PRO A 1232 -8.52 -2.25 8.55
N PRO A 1233 -7.41 -2.08 9.29
CA PRO A 1233 -6.86 -0.72 9.41
C PRO A 1233 -6.45 -0.09 8.08
N LEU A 1234 -5.90 -0.88 7.16
CA LEU A 1234 -5.50 -0.35 5.86
C LEU A 1234 -6.72 0.03 5.03
N ALA A 1235 -7.73 -0.83 5.00
CA ALA A 1235 -8.99 -0.49 4.35
C ALA A 1235 -9.64 0.73 4.99
N LYS A 1236 -9.43 0.93 6.29
CA LYS A 1236 -10.01 2.10 6.95
C LYS A 1236 -9.30 3.38 6.56
N ALA A 1237 -7.97 3.34 6.45
CA ALA A 1237 -7.22 4.49 5.96
C ALA A 1237 -7.64 4.85 4.54
N ILE A 1238 -7.74 3.85 3.67
CA ILE A 1238 -8.15 4.09 2.28
C ILE A 1238 -9.59 4.61 2.24
N GLY A 1239 -10.46 4.08 3.09
CA GLY A 1239 -11.84 4.54 3.12
C GLY A 1239 -11.96 5.98 3.57
N LEU A 1240 -11.13 6.39 4.53
CA LEU A 1240 -11.13 7.80 4.92
C LEU A 1240 -10.65 8.68 3.78
N GLU A 1241 -9.65 8.20 3.02
CA GLU A 1241 -9.22 8.97 1.86
C GLU A 1241 -10.30 9.07 0.79
N ILE A 1242 -11.19 8.07 0.71
CA ILE A 1242 -12.32 8.15 -0.21
C ILE A 1242 -13.40 9.09 0.34
N LYS A 1243 -13.58 9.08 1.66
CA LYS A 1243 -14.51 10.01 2.30
C LYS A 1243 -14.12 11.45 2.02
N LEU A 1244 -12.83 11.74 2.00
CA LEU A 1244 -12.38 13.09 1.64
C LEU A 1244 -12.94 13.51 0.29
N CYS A 1245 -12.84 12.64 -0.71
CA CYS A 1245 -13.29 12.99 -2.05
C CYS A 1245 -14.82 13.06 -2.13
N MET A 1246 -15.51 12.19 -1.39
CA MET A 1246 -16.97 12.27 -1.35
C MET A 1246 -17.42 13.61 -0.77
N LEU A 1247 -16.80 14.04 0.33
CA LEU A 1247 -17.09 15.34 0.91
C LEU A 1247 -16.75 16.47 -0.06
N ALA A 1248 -15.63 16.35 -0.77
CA ALA A 1248 -15.26 17.39 -1.73
C ALA A 1248 -16.27 17.52 -2.84
N LYS A 1249 -16.74 16.40 -3.39
CA LYS A 1249 -17.75 16.46 -4.44
C LYS A 1249 -19.05 17.02 -3.93
N ALA A 1250 -19.44 16.65 -2.70
CA ALA A 1250 -20.67 17.19 -2.14
C ALA A 1250 -20.57 18.70 -1.92
N ARG A 1251 -19.42 19.17 -1.43
CA ARG A 1251 -19.21 20.60 -1.23
C ARG A 1251 -19.22 21.34 -2.55
N GLU A 1252 -18.61 20.77 -3.59
CA GLU A 1252 -18.60 21.42 -4.90
C GLU A 1252 -20.02 21.50 -5.47
N SER A 1253 -20.81 20.44 -5.30
CA SER A 1253 -22.20 20.48 -5.73
C SER A 1253 -22.97 21.57 -4.99
N ALA A 1254 -22.74 21.68 -3.68
CA ALA A 1254 -23.42 22.72 -2.89
C ALA A 1254 -23.02 24.11 -3.37
N SER A 1255 -21.72 24.33 -3.58
CA SER A 1255 -21.25 25.64 -4.01
C SER A 1255 -21.65 25.97 -5.44
N ALA A 1256 -21.95 24.96 -6.25
CA ALA A 1256 -22.50 25.20 -7.58
C ALA A 1256 -24.02 25.23 -7.59
N LYS A 1257 -24.67 24.94 -6.47
CA LYS A 1257 -26.12 24.98 -6.35
C LYS A 1257 -26.63 26.29 -5.77
N ILE A 1258 -25.78 27.08 -5.11
CA ILE A 1258 -26.20 28.31 -4.45
C ILE A 1258 -25.50 29.48 -5.14
N LYS A 1259 -25.22 29.33 -6.43
CA LYS A 1259 -24.59 30.38 -7.22
C LYS A 1259 -25.48 31.62 -7.28
N1 5CM B 6 10.63 -25.80 -1.63
C2 5CM B 6 9.43 -25.28 -1.61
N3 5CM B 6 8.79 -25.00 -0.49
C4 5CM B 6 9.38 -25.23 0.67
C5 5CM B 6 10.65 -25.78 0.70
C5A 5CM B 6 11.34 -26.06 2.03
C6 5CM B 6 11.28 -26.07 -0.50
O2 5CM B 6 8.89 -25.06 -2.63
N4 5CM B 6 8.68 -24.93 1.90
C1' 5CM B 6 11.22 -26.05 -2.94
C2' 5CM B 6 12.38 -25.54 -3.03
C3' 5CM B 6 12.95 -26.24 -4.22
C4' 5CM B 6 12.07 -27.51 -4.38
O4' 5CM B 6 11.45 -27.60 -3.31
O3' 5CM B 6 12.83 -25.43 -5.33
C5' 5CM B 6 13.00 -28.76 -4.61
O5' 5CM B 6 12.76 -29.65 -3.58
P 5CM B 6 14.03 -30.11 -2.65
OP1 5CM B 6 15.15 -30.55 -3.55
OP2 5CM B 6 14.51 -29.03 -1.71
SG EIX C 6 -3.32 -13.58 -3.32
C1' EIX C 6 -2.26 -13.46 -0.57
C2 EIX C 6 -3.67 -11.46 -0.36
C2' EIX C 6 -2.68 -14.78 0.04
C3' EIX C 6 -1.27 -15.30 0.22
C4 EIX C 6 -5.00 -10.95 -2.12
C4' EIX C 6 -0.48 -14.10 0.71
C5 EIX C 6 -5.47 -12.38 -2.20
C5' EIX C 6 0.83 -14.05 -0.04
C6 EIX C 6 -4.30 -13.28 -1.87
CM5 EIX C 6 -6.64 -12.62 -1.26
F EIX C 6 -5.88 -12.64 -3.42
N1 EIX C 6 -3.43 -12.67 -0.88
N3 EIX C 6 -4.38 -10.60 -1.09
N4 EIX C 6 -5.23 -10.10 -3.13
O2 EIX C 6 -3.28 -11.15 0.74
O3' EIX C 6 -1.17 -16.46 1.03
O4' EIX C 6 -1.30 -12.97 0.37
O5' EIX C 6 1.45 -12.79 0.17
OP2 EIX C 6 3.14 -10.87 -0.44
P EIX C 6 2.88 -12.46 -0.47
OP1 EIX C 6 2.97 -12.99 -1.84
ZN ZN D . 20.32 -33.14 -3.73
ZN ZN E . 3.11 27.83 -19.70
ZN ZN F . 4.34 -8.93 -29.94
ZN ZN G . 11.89 1.59 -37.04
N SAH H . -9.15 -9.43 -0.03
CA SAH H . -10.21 -10.14 0.68
CB SAH H . -9.84 -11.61 0.83
CG SAH H . -10.54 -12.56 -0.14
SD SAH H . -10.05 -12.36 -1.86
C SAH H . -10.48 -9.53 2.05
O SAH H . -11.16 -10.12 2.89
OXT SAH H . -10.04 -8.43 2.35
C5' SAH H . -9.88 -14.15 -2.01
C4' SAH H . -11.20 -14.87 -2.18
O4' SAH H . -11.65 -14.83 -3.52
C3' SAH H . -11.05 -16.34 -1.82
O3' SAH H . -11.79 -16.62 -0.65
C2' SAH H . -11.62 -17.11 -3.00
O2' SAH H . -12.55 -18.07 -2.58
C1' SAH H . -12.33 -16.04 -3.80
N9 SAH H . -12.36 -16.41 -5.23
C8 SAH H . -11.32 -16.93 -5.96
N7 SAH H . -11.75 -17.14 -7.22
C5 SAH H . -13.05 -16.77 -7.31
C6 SAH H . -13.96 -16.77 -8.36
N6 SAH H . -13.58 -17.22 -9.56
N1 SAH H . -15.24 -16.32 -8.15
C2 SAH H . -15.61 -15.87 -6.90
N3 SAH H . -14.71 -15.87 -5.87
C4 SAH H . -13.45 -16.31 -6.06
#